data_1WWL
#
_entry.id   1WWL
#
_cell.length_a   70.519
_cell.length_b   117.705
_cell.length_c   102.395
_cell.angle_alpha   90.00
_cell.angle_beta   90.00
_cell.angle_gamma   90.00
#
_symmetry.space_group_name_H-M   'P 21 21 21'
#
loop_
_entity.id
_entity.type
_entity.pdbx_description
1 polymer 'Monocyte differentiation antigen CD14'
2 branched 2-acetamido-2-deoxy-beta-D-glucopyranose-(1-4)-2-acetamido-2-deoxy-beta-D-glucopyranose
3 non-polymer 2-acetamido-2-deoxy-beta-D-glucopyranose
4 water water
#
_entity_poly.entity_id   1
_entity_poly.type   'polypeptide(L)'
_entity_poly.pdbx_seq_one_letter_code
;ADPEPCELDEESCSCNFSDPKPDWSSAFNCLGAADVELYGGGRSLEYLLKRVDTEADLGQFTDIIKSLSLKRLTVRAARI
PSRILFGALRVLGISGLQELTLENLEVTGTAPPPLLEATGPDLNILNLRNVSWATRDAWLAELQQWLKPGLKVLSIAQAH
SLNFSCEQVRVFPALSTLDLSDNPELGERGLISALCPLKFPTLQVLALRNAGMETPSGVCSALAAARVQLQGLDLSHNSL
RDAAGAPSCDWPSQLNSLNLSFTGLKQVPKGLPAKLSVLDLSYNRLDRNPSPDELPQVGNLSLKGNPFLDSE
;
_entity_poly.pdbx_strand_id   A,B
#
loop_
_chem_comp.id
_chem_comp.type
_chem_comp.name
_chem_comp.formula
NAG D-saccharide, beta linking 2-acetamido-2-deoxy-beta-D-glucopyranose 'C8 H15 N O6'
#
# COMPACT_ATOMS: atom_id res chain seq x y z
N PRO A 5 -2.52 -23.74 -29.72
CA PRO A 5 -2.49 -22.33 -30.17
C PRO A 5 -2.83 -21.37 -29.02
N CYS A 6 -4.01 -21.59 -28.45
CA CYS A 6 -4.49 -20.78 -27.33
C CYS A 6 -4.51 -21.65 -26.08
N GLU A 7 -4.73 -21.02 -24.93
CA GLU A 7 -4.79 -21.75 -23.68
C GLU A 7 -5.43 -20.96 -22.55
N LEU A 8 -6.60 -21.41 -22.12
CA LEU A 8 -7.33 -20.73 -21.07
C LEU A 8 -6.82 -21.07 -19.67
N ASP A 9 -5.65 -20.56 -19.31
CA ASP A 9 -5.12 -20.80 -17.98
C ASP A 9 -5.69 -19.74 -17.05
N GLU A 10 -6.74 -20.10 -16.31
CA GLU A 10 -7.39 -19.20 -15.39
C GLU A 10 -8.12 -18.13 -16.18
N GLU A 11 -7.94 -16.86 -15.81
CA GLU A 11 -8.61 -15.78 -16.52
C GLU A 11 -7.95 -15.43 -17.84
N SER A 12 -6.71 -15.86 -18.03
CA SER A 12 -6.00 -15.55 -19.26
C SER A 12 -6.07 -16.63 -20.32
N CYS A 13 -6.01 -16.21 -21.57
CA CYS A 13 -6.05 -17.12 -22.69
C CYS A 13 -4.97 -16.64 -23.62
N SER A 14 -3.75 -17.14 -23.43
CA SER A 14 -2.64 -16.71 -24.27
C SER A 14 -2.78 -17.27 -25.68
N CYS A 15 -3.82 -16.82 -26.36
CA CYS A 15 -4.11 -17.21 -27.72
C CYS A 15 -2.87 -16.84 -28.59
N ASN A 16 -2.18 -17.84 -29.13
CA ASN A 16 -0.98 -17.62 -29.96
C ASN A 16 -1.12 -17.99 -31.43
N PHE A 17 -1.03 -17.00 -32.31
CA PHE A 17 -1.16 -17.24 -33.76
C PHE A 17 0.12 -16.85 -34.50
N SER A 18 1.26 -17.32 -34.02
CA SER A 18 2.54 -17.02 -34.67
C SER A 18 2.72 -17.81 -35.96
N ASP A 19 2.45 -19.11 -35.88
CA ASP A 19 2.55 -20.03 -37.01
C ASP A 19 1.65 -19.51 -38.14
N PRO A 20 2.06 -19.72 -39.40
CA PRO A 20 1.29 -19.29 -40.57
C PRO A 20 -0.24 -19.36 -40.42
N LYS A 21 -0.83 -20.50 -40.80
CA LYS A 21 -2.27 -20.69 -40.68
C LYS A 21 -2.53 -21.25 -39.29
N PRO A 22 -3.16 -20.46 -38.41
CA PRO A 22 -3.42 -20.98 -37.05
C PRO A 22 -4.74 -21.70 -36.90
N ASP A 23 -4.93 -22.31 -35.74
CA ASP A 23 -6.16 -23.01 -35.42
C ASP A 23 -7.00 -21.96 -34.70
N TRP A 24 -7.87 -21.30 -35.46
CA TRP A 24 -8.71 -20.25 -34.91
C TRP A 24 -9.82 -20.77 -34.01
N SER A 25 -10.23 -22.02 -34.22
CA SER A 25 -11.27 -22.61 -33.39
C SER A 25 -10.89 -22.34 -31.94
N SER A 26 -9.59 -22.52 -31.66
CA SER A 26 -9.03 -22.31 -30.32
C SER A 26 -9.63 -21.06 -29.73
N ALA A 27 -9.70 -20.02 -30.57
CA ALA A 27 -10.25 -18.74 -30.17
C ALA A 27 -11.52 -18.93 -29.36
N PHE A 28 -12.40 -19.81 -29.83
CA PHE A 28 -13.64 -20.01 -29.12
C PHE A 28 -13.42 -20.49 -27.68
N ASN A 29 -12.15 -20.70 -27.31
CA ASN A 29 -11.79 -21.09 -25.95
C ASN A 29 -11.48 -19.79 -25.22
N CYS A 30 -10.80 -18.89 -25.96
CA CYS A 30 -10.42 -17.59 -25.44
C CYS A 30 -11.70 -16.80 -25.15
N LEU A 31 -12.83 -17.50 -25.23
CA LEU A 31 -14.16 -16.94 -24.94
C LEU A 31 -14.39 -17.08 -23.45
N GLY A 32 -15.34 -16.32 -22.92
CA GLY A 32 -15.61 -16.41 -21.49
C GLY A 32 -14.42 -16.05 -20.64
N ALA A 33 -13.30 -15.74 -21.28
CA ALA A 33 -12.10 -15.37 -20.55
C ALA A 33 -11.90 -13.84 -20.57
N ALA A 34 -11.93 -13.22 -19.39
CA ALA A 34 -11.76 -11.77 -19.24
C ALA A 34 -10.43 -11.18 -19.79
N ASP A 35 -9.37 -11.98 -19.80
CA ASP A 35 -8.08 -11.51 -20.28
C ASP A 35 -7.56 -12.31 -21.46
N VAL A 36 -7.19 -11.61 -22.53
CA VAL A 36 -6.72 -12.27 -23.74
C VAL A 36 -5.47 -11.60 -24.29
N GLU A 37 -4.51 -12.43 -24.66
CA GLU A 37 -3.26 -11.96 -25.17
C GLU A 37 -3.00 -12.60 -26.53
N LEU A 38 -2.87 -11.79 -27.57
CA LEU A 38 -2.62 -12.31 -28.90
C LEU A 38 -1.18 -12.02 -29.34
N TYR A 39 -0.42 -13.07 -29.64
CA TYR A 39 0.96 -12.89 -30.06
C TYR A 39 1.09 -13.24 -31.54
N GLY A 40 1.11 -12.21 -32.38
CA GLY A 40 1.22 -12.44 -33.81
C GLY A 40 2.63 -12.85 -34.21
N GLY A 41 3.55 -12.81 -33.27
CA GLY A 41 4.92 -13.19 -33.55
C GLY A 41 5.56 -12.48 -34.72
N GLY A 42 5.06 -11.30 -35.06
CA GLY A 42 5.64 -10.55 -36.17
C GLY A 42 5.05 -10.97 -37.51
N ARG A 43 4.18 -11.98 -37.48
CA ARG A 43 3.54 -12.49 -38.68
C ARG A 43 2.63 -11.46 -39.34
N SER A 44 2.71 -11.35 -40.67
CA SER A 44 1.90 -10.42 -41.43
C SER A 44 0.49 -10.97 -41.63
N LEU A 45 -0.50 -10.08 -41.59
CA LEU A 45 -1.90 -10.49 -41.76
C LEU A 45 -2.51 -9.77 -42.95
N GLU A 46 -1.69 -9.41 -43.94
CA GLU A 46 -2.17 -8.71 -45.12
C GLU A 46 -2.92 -9.63 -46.09
N TYR A 47 -2.94 -10.92 -45.77
CA TYR A 47 -3.61 -11.92 -46.60
C TYR A 47 -5.09 -12.04 -46.18
N LEU A 48 -5.44 -11.40 -45.08
CA LEU A 48 -6.81 -11.43 -44.58
C LEU A 48 -7.68 -10.43 -45.35
N LEU A 49 -7.03 -9.52 -46.07
CA LEU A 49 -7.73 -8.52 -46.86
C LEU A 49 -8.60 -9.20 -47.91
N LYS A 50 -8.03 -10.17 -48.60
CA LYS A 50 -8.72 -10.92 -49.65
C LYS A 50 -9.76 -11.87 -49.09
N ARG A 51 -9.57 -12.32 -47.86
CA ARG A 51 -10.49 -13.26 -47.23
C ARG A 51 -11.70 -12.67 -46.49
N VAL A 52 -11.47 -11.64 -45.68
CA VAL A 52 -12.55 -11.06 -44.89
C VAL A 52 -13.13 -9.73 -45.41
N ASP A 53 -14.40 -9.47 -45.04
CA ASP A 53 -15.14 -8.25 -45.41
C ASP A 53 -15.22 -7.37 -44.15
N THR A 54 -14.69 -6.14 -44.24
CA THR A 54 -14.67 -5.25 -43.08
C THR A 54 -16.02 -4.70 -42.64
N GLU A 55 -17.01 -4.77 -43.51
CA GLU A 55 -18.31 -4.23 -43.15
C GLU A 55 -19.19 -5.38 -42.70
N ALA A 56 -18.55 -6.53 -42.51
CA ALA A 56 -19.23 -7.75 -42.10
C ALA A 56 -20.01 -7.61 -40.84
N ASP A 57 -21.25 -8.00 -40.98
CA ASP A 57 -22.10 -8.01 -39.84
C ASP A 57 -22.35 -9.47 -39.65
N LEU A 58 -21.44 -10.04 -38.87
CA LEU A 58 -21.41 -11.42 -38.47
C LEU A 58 -22.71 -11.70 -37.74
N GLY A 59 -23.71 -12.21 -38.43
CA GLY A 59 -24.96 -12.50 -37.73
C GLY A 59 -24.72 -13.70 -36.87
N GLN A 60 -24.08 -14.68 -37.50
CA GLN A 60 -23.75 -15.94 -36.88
C GLN A 60 -23.01 -15.73 -35.55
N PHE A 61 -22.19 -14.70 -35.49
CA PHE A 61 -21.39 -14.45 -34.29
C PHE A 61 -21.81 -13.31 -33.37
N THR A 62 -22.53 -12.33 -33.91
CA THR A 62 -22.97 -11.18 -33.15
C THR A 62 -23.25 -11.42 -31.66
N ASP A 63 -24.01 -12.46 -31.35
CA ASP A 63 -24.35 -12.80 -29.96
C ASP A 63 -23.16 -13.28 -29.17
N ILE A 64 -22.26 -14.00 -29.84
CA ILE A 64 -21.07 -14.48 -29.16
C ILE A 64 -20.30 -13.25 -28.71
N ILE A 65 -19.90 -12.43 -29.68
CA ILE A 65 -19.16 -11.20 -29.43
C ILE A 65 -19.80 -10.36 -28.33
N LYS A 66 -21.13 -10.20 -28.38
CA LYS A 66 -21.86 -9.42 -27.38
C LYS A 66 -21.90 -10.11 -26.02
N SER A 67 -21.67 -11.41 -26.01
CA SER A 67 -21.73 -12.17 -24.77
C SER A 67 -20.38 -12.53 -24.17
N LEU A 68 -19.30 -12.25 -24.92
CA LEU A 68 -17.93 -12.55 -24.48
C LEU A 68 -17.68 -11.99 -23.09
N SER A 69 -16.74 -12.59 -22.36
CA SER A 69 -16.44 -12.08 -21.02
C SER A 69 -15.23 -11.15 -21.02
N LEU A 70 -14.62 -11.02 -22.20
CA LEU A 70 -13.45 -10.17 -22.45
C LEU A 70 -13.53 -8.80 -21.81
N LYS A 71 -12.43 -8.37 -21.21
CA LYS A 71 -12.36 -7.07 -20.57
C LYS A 71 -11.01 -6.37 -20.81
N ARG A 72 -9.95 -7.16 -20.92
CA ARG A 72 -8.61 -6.63 -21.17
C ARG A 72 -7.98 -7.37 -22.34
N LEU A 73 -7.76 -6.65 -23.43
CA LEU A 73 -7.16 -7.24 -24.62
C LEU A 73 -5.75 -6.72 -24.92
N THR A 74 -4.86 -7.62 -25.29
CA THR A 74 -3.51 -7.24 -25.64
C THR A 74 -3.28 -7.83 -27.00
N VAL A 75 -2.61 -7.09 -27.88
CA VAL A 75 -2.34 -7.58 -29.24
C VAL A 75 -0.90 -7.17 -29.57
N ARG A 76 -0.02 -8.16 -29.63
CA ARG A 76 1.40 -7.89 -29.88
C ARG A 76 2.09 -8.62 -31.05
N ALA A 77 3.15 -7.99 -31.56
CA ALA A 77 3.98 -8.52 -32.66
C ALA A 77 3.18 -9.04 -33.84
N ALA A 78 2.85 -8.16 -34.77
CA ALA A 78 2.08 -8.52 -35.93
C ALA A 78 2.07 -7.34 -36.86
N ARG A 79 2.05 -7.63 -38.16
CA ARG A 79 2.03 -6.59 -39.17
C ARG A 79 0.59 -6.55 -39.65
N ILE A 80 -0.25 -5.84 -38.93
CA ILE A 80 -1.66 -5.78 -39.29
C ILE A 80 -2.04 -4.61 -40.18
N PRO A 81 -2.80 -4.87 -41.25
CA PRO A 81 -3.16 -3.73 -42.08
C PRO A 81 -4.27 -2.93 -41.39
N SER A 82 -4.17 -1.61 -41.52
CA SER A 82 -5.11 -0.67 -40.93
C SER A 82 -6.55 -1.16 -40.98
N ARG A 83 -6.98 -1.65 -42.13
CA ARG A 83 -8.34 -2.14 -42.32
C ARG A 83 -8.77 -3.19 -41.31
N ILE A 84 -7.90 -4.17 -41.09
CA ILE A 84 -8.19 -5.27 -40.17
C ILE A 84 -8.16 -4.80 -38.71
N LEU A 85 -7.27 -3.85 -38.41
CA LEU A 85 -7.15 -3.31 -37.06
C LEU A 85 -8.48 -2.67 -36.63
N PHE A 86 -8.90 -1.66 -37.38
CA PHE A 86 -10.14 -0.96 -37.10
C PHE A 86 -11.37 -1.86 -37.31
N GLY A 87 -11.21 -2.87 -38.17
CA GLY A 87 -12.30 -3.78 -38.39
C GLY A 87 -12.57 -4.45 -37.06
N ALA A 88 -11.50 -4.96 -36.46
CA ALA A 88 -11.55 -5.65 -35.17
C ALA A 88 -12.11 -4.71 -34.11
N LEU A 89 -11.68 -3.45 -34.18
CA LEU A 89 -12.13 -2.45 -33.23
C LEU A 89 -13.63 -2.32 -33.28
N ARG A 90 -14.15 -2.12 -34.51
CA ARG A 90 -15.59 -1.98 -34.75
C ARG A 90 -16.33 -3.18 -34.21
N VAL A 91 -15.79 -4.36 -34.52
CA VAL A 91 -16.37 -5.62 -34.06
C VAL A 91 -16.46 -5.62 -32.54
N LEU A 92 -15.32 -5.31 -31.92
CA LEU A 92 -15.25 -5.27 -30.46
C LEU A 92 -16.20 -4.24 -29.89
N GLY A 93 -16.60 -3.29 -30.72
CA GLY A 93 -17.49 -2.23 -30.29
C GLY A 93 -18.71 -2.69 -29.54
N ILE A 94 -19.31 -3.79 -29.98
CA ILE A 94 -20.50 -4.29 -29.32
C ILE A 94 -20.17 -5.18 -28.13
N SER A 95 -18.88 -5.39 -27.88
CA SER A 95 -18.46 -6.20 -26.74
C SER A 95 -18.24 -5.28 -25.55
N GLY A 96 -17.95 -5.86 -24.39
CA GLY A 96 -17.73 -5.07 -23.19
C GLY A 96 -16.25 -4.84 -22.86
N LEU A 97 -15.40 -4.87 -23.89
CA LEU A 97 -13.96 -4.67 -23.74
C LEU A 97 -13.72 -3.31 -23.11
N GLN A 98 -12.99 -3.29 -22.00
CA GLN A 98 -12.70 -2.03 -21.28
C GLN A 98 -11.30 -1.46 -21.52
N GLU A 99 -10.31 -2.34 -21.62
CA GLU A 99 -8.93 -1.93 -21.79
C GLU A 99 -8.27 -2.59 -23.00
N LEU A 100 -7.68 -1.79 -23.88
CA LEU A 100 -6.99 -2.31 -25.05
C LEU A 100 -5.48 -2.00 -24.99
N THR A 101 -4.66 -2.95 -25.42
CA THR A 101 -3.21 -2.75 -25.40
C THR A 101 -2.60 -3.23 -26.71
N LEU A 102 -2.22 -2.29 -27.58
CA LEU A 102 -1.59 -2.60 -28.87
C LEU A 102 -0.09 -2.49 -28.66
N GLU A 103 0.68 -3.45 -29.18
CA GLU A 103 2.12 -3.43 -28.95
C GLU A 103 2.98 -4.09 -30.03
N ASN A 104 4.04 -3.41 -30.42
CA ASN A 104 4.95 -3.93 -31.45
C ASN A 104 4.22 -4.25 -32.76
N LEU A 105 3.32 -3.37 -33.17
CA LEU A 105 2.54 -3.57 -34.39
C LEU A 105 2.99 -2.62 -35.47
N GLU A 106 2.85 -3.09 -36.70
CA GLU A 106 3.20 -2.29 -37.86
C GLU A 106 1.88 -2.16 -38.64
N VAL A 107 1.02 -1.23 -38.22
CA VAL A 107 -0.26 -1.03 -38.88
C VAL A 107 0.00 -0.38 -40.23
N THR A 108 -0.37 -1.09 -41.30
CA THR A 108 -0.10 -0.64 -42.65
C THR A 108 -1.30 -0.25 -43.50
N GLY A 109 -1.02 0.56 -44.51
CA GLY A 109 -2.05 1.01 -45.43
C GLY A 109 -3.07 1.93 -44.80
N THR A 110 -3.71 2.74 -45.64
CA THR A 110 -4.73 3.66 -45.16
C THR A 110 -6.10 2.98 -45.23
N ALA A 111 -6.97 3.35 -44.30
CA ALA A 111 -8.31 2.79 -44.26
C ALA A 111 -9.28 3.93 -44.48
N PRO A 112 -10.46 3.64 -45.04
CA PRO A 112 -11.40 4.74 -45.24
C PRO A 112 -12.07 5.15 -43.92
N PRO A 113 -12.45 6.44 -43.79
CA PRO A 113 -13.10 6.91 -42.57
C PRO A 113 -14.34 6.08 -42.32
N PRO A 114 -14.71 5.86 -41.05
CA PRO A 114 -15.91 5.06 -40.79
C PRO A 114 -17.15 5.90 -41.15
N LEU A 115 -18.27 5.22 -41.37
CA LEU A 115 -19.49 5.91 -41.71
C LEU A 115 -20.09 6.63 -40.51
N LEU A 116 -20.56 5.83 -39.56
CA LEU A 116 -21.17 6.37 -38.36
C LEU A 116 -20.11 6.96 -37.43
N GLU A 117 -20.54 7.31 -36.21
CA GLU A 117 -19.63 7.90 -35.24
C GLU A 117 -19.64 7.15 -33.90
N ALA A 118 -18.45 7.06 -33.30
CA ALA A 118 -18.25 6.42 -32.00
C ALA A 118 -18.29 4.89 -32.03
N THR A 119 -18.13 4.31 -33.22
CA THR A 119 -18.14 2.86 -33.37
C THR A 119 -16.91 2.26 -32.71
N GLY A 120 -17.03 1.74 -31.50
CA GLY A 120 -15.84 1.21 -30.85
C GLY A 120 -16.02 0.76 -29.42
N PRO A 121 -15.12 -0.10 -28.92
CA PRO A 121 -15.21 -0.60 -27.54
C PRO A 121 -15.35 0.57 -26.61
N ASP A 122 -16.20 0.49 -25.59
CA ASP A 122 -16.29 1.62 -24.69
C ASP A 122 -15.14 1.52 -23.69
N LEU A 123 -13.93 1.77 -24.19
CA LEU A 123 -12.68 1.70 -23.42
C LEU A 123 -12.46 2.71 -22.30
N ASN A 124 -11.70 2.31 -21.28
CA ASN A 124 -11.33 3.25 -20.22
C ASN A 124 -9.84 3.51 -20.43
N ILE A 125 -9.14 2.46 -20.84
CA ILE A 125 -7.70 2.47 -21.01
C ILE A 125 -7.19 2.00 -22.36
N LEU A 126 -6.43 2.86 -23.04
CA LEU A 126 -5.85 2.49 -24.31
C LEU A 126 -4.34 2.65 -24.22
N ASN A 127 -3.58 1.56 -24.40
CA ASN A 127 -2.11 1.62 -24.32
C ASN A 127 -1.45 1.29 -25.64
N LEU A 128 -0.50 2.10 -26.05
CA LEU A 128 0.20 1.83 -27.29
C LEU A 128 1.70 1.81 -26.99
N ARG A 129 2.39 0.80 -27.48
CA ARG A 129 3.82 0.70 -27.31
C ARG A 129 4.48 0.16 -28.55
N ASN A 130 5.29 1.01 -29.19
CA ASN A 130 6.01 0.62 -30.39
C ASN A 130 5.09 0.22 -31.55
N VAL A 131 4.11 1.07 -31.79
CA VAL A 131 3.15 0.88 -32.85
C VAL A 131 3.44 1.88 -33.98
N SER A 132 3.59 1.39 -35.20
CA SER A 132 3.82 2.32 -36.31
C SER A 132 2.54 2.35 -37.15
N TRP A 133 2.29 3.47 -37.82
CA TRP A 133 1.08 3.58 -38.62
C TRP A 133 1.37 3.99 -40.06
N ALA A 134 0.39 3.79 -40.92
CA ALA A 134 0.51 4.12 -42.34
C ALA A 134 0.91 5.60 -42.43
N THR A 135 0.02 6.47 -41.98
CA THR A 135 0.35 7.89 -41.94
C THR A 135 1.27 7.95 -40.73
N ARG A 136 1.67 9.13 -40.27
CA ARG A 136 2.52 9.17 -39.09
C ARG A 136 2.30 10.38 -38.21
N ASP A 137 1.61 11.37 -38.73
CA ASP A 137 1.34 12.56 -37.93
C ASP A 137 -0.16 12.69 -37.78
N ALA A 138 -0.89 11.80 -38.42
CA ALA A 138 -2.32 11.86 -38.32
C ALA A 138 -2.87 10.57 -37.73
N TRP A 139 -1.99 9.63 -37.38
CA TRP A 139 -2.49 8.37 -36.83
C TRP A 139 -3.38 8.59 -35.60
N LEU A 140 -3.04 9.55 -34.75
CA LEU A 140 -3.87 9.78 -33.57
C LEU A 140 -5.26 10.28 -33.98
N ALA A 141 -5.30 11.23 -34.90
CA ALA A 141 -6.56 11.80 -35.35
C ALA A 141 -7.47 10.73 -35.94
N GLU A 142 -6.87 9.82 -36.69
CA GLU A 142 -7.61 8.76 -37.35
C GLU A 142 -8.06 7.67 -36.42
N LEU A 143 -7.21 7.30 -35.49
CA LEU A 143 -7.61 6.27 -34.55
C LEU A 143 -8.79 6.81 -33.74
N GLN A 144 -8.82 8.11 -33.50
CA GLN A 144 -9.91 8.70 -32.75
C GLN A 144 -11.26 8.47 -33.40
N GLN A 145 -11.27 8.38 -34.72
CA GLN A 145 -12.47 8.17 -35.51
C GLN A 145 -13.24 6.91 -35.15
N TRP A 146 -12.58 5.99 -34.46
CA TRP A 146 -13.19 4.72 -34.04
C TRP A 146 -13.33 4.60 -32.51
N LEU A 147 -12.82 5.59 -31.76
CA LEU A 147 -12.89 5.60 -30.29
C LEU A 147 -14.14 6.20 -29.71
N LYS A 148 -14.58 5.67 -28.57
CA LYS A 148 -15.75 6.23 -27.90
C LYS A 148 -15.25 7.45 -27.12
N PRO A 149 -16.16 8.25 -26.55
CA PRO A 149 -15.78 9.44 -25.78
C PRO A 149 -15.43 9.20 -24.30
N GLY A 150 -15.65 8.01 -23.79
CA GLY A 150 -15.37 7.80 -22.38
C GLY A 150 -13.94 7.48 -22.00
N LEU A 151 -13.02 7.47 -22.96
CA LEU A 151 -11.63 7.10 -22.67
C LEU A 151 -11.05 7.90 -21.53
N LYS A 152 -10.54 7.20 -20.52
CA LYS A 152 -9.95 7.88 -19.39
C LYS A 152 -8.41 7.89 -19.32
N VAL A 153 -7.77 6.80 -19.75
CA VAL A 153 -6.32 6.71 -19.68
C VAL A 153 -5.70 6.42 -21.05
N LEU A 154 -4.83 7.33 -21.52
CA LEU A 154 -4.18 7.12 -22.80
C LEU A 154 -2.68 7.00 -22.59
N SER A 155 -2.14 5.81 -22.83
CA SER A 155 -0.70 5.64 -22.70
C SER A 155 -0.05 5.43 -24.08
N ILE A 156 0.97 6.21 -24.40
CA ILE A 156 1.63 6.08 -25.70
C ILE A 156 3.14 5.98 -25.50
N ALA A 157 3.74 4.82 -25.76
CA ALA A 157 5.19 4.68 -25.59
C ALA A 157 5.93 4.39 -26.89
N GLN A 158 7.19 4.79 -26.98
CA GLN A 158 8.00 4.56 -28.18
C GLN A 158 7.24 4.80 -29.49
N ALA A 159 6.57 5.94 -29.58
CA ALA A 159 5.84 6.29 -30.78
C ALA A 159 6.92 6.70 -31.77
N HIS A 160 6.67 6.53 -33.06
CA HIS A 160 7.65 6.94 -34.06
C HIS A 160 7.34 8.37 -34.40
N SER A 161 6.26 8.89 -33.82
CA SER A 161 5.87 10.27 -34.07
C SER A 161 4.71 10.75 -33.22
N LEU A 162 4.89 11.94 -32.63
CA LEU A 162 3.87 12.54 -31.78
C LEU A 162 3.61 13.97 -32.20
N ASN A 163 4.30 14.41 -33.24
CA ASN A 163 4.12 15.77 -33.75
C ASN A 163 2.78 15.81 -34.47
N PHE A 164 1.71 15.76 -33.68
CA PHE A 164 0.37 15.76 -34.21
C PHE A 164 -0.05 16.95 -35.06
N SER A 165 -0.98 16.66 -35.96
CA SER A 165 -1.60 17.68 -36.80
C SER A 165 -2.83 17.91 -35.94
N CYS A 166 -2.68 18.83 -35.00
CA CYS A 166 -3.70 19.16 -34.02
C CYS A 166 -5.07 19.66 -34.44
N GLU A 167 -5.17 20.26 -35.61
CA GLU A 167 -6.47 20.75 -36.07
C GLU A 167 -7.44 19.58 -36.35
N GLN A 168 -6.88 18.42 -36.73
CA GLN A 168 -7.65 17.22 -37.01
C GLN A 168 -7.90 16.39 -35.74
N VAL A 169 -7.11 16.66 -34.70
CA VAL A 169 -7.26 15.93 -33.45
C VAL A 169 -8.51 16.45 -32.76
N ARG A 170 -9.24 15.55 -32.13
CA ARG A 170 -10.45 15.98 -31.45
C ARG A 170 -10.27 16.01 -29.95
N VAL A 171 -11.27 16.54 -29.28
CA VAL A 171 -11.30 16.65 -27.83
C VAL A 171 -11.41 15.28 -27.19
N PHE A 172 -10.67 15.03 -26.11
CA PHE A 172 -10.81 13.76 -25.39
C PHE A 172 -11.57 14.27 -24.18
N PRO A 173 -12.92 14.17 -24.20
CA PRO A 173 -13.81 14.62 -23.11
C PRO A 173 -13.55 14.07 -21.70
N ALA A 174 -13.23 12.79 -21.60
CA ALA A 174 -13.01 12.20 -20.30
C ALA A 174 -11.55 11.85 -19.99
N LEU A 175 -10.64 12.07 -20.93
CA LEU A 175 -9.26 11.69 -20.67
C LEU A 175 -8.67 12.33 -19.43
N SER A 176 -8.50 11.52 -18.38
CA SER A 176 -7.93 12.04 -17.14
C SER A 176 -6.41 11.79 -17.03
N THR A 177 -5.90 10.76 -17.68
CA THR A 177 -4.46 10.48 -17.62
C THR A 177 -3.82 10.32 -19.01
N LEU A 178 -2.79 11.11 -19.28
CA LEU A 178 -2.06 11.03 -20.54
C LEU A 178 -0.63 10.60 -20.18
N ASP A 179 -0.23 9.42 -20.65
CA ASP A 179 1.09 8.89 -20.35
C ASP A 179 1.98 8.79 -21.59
N LEU A 180 2.90 9.72 -21.72
CA LEU A 180 3.81 9.72 -22.85
C LEU A 180 5.20 9.26 -22.39
N SER A 181 5.25 8.39 -21.41
CA SER A 181 6.56 7.93 -20.93
C SER A 181 7.24 7.06 -21.95
N ASP A 182 8.57 7.03 -21.89
CA ASP A 182 9.40 6.27 -22.83
C ASP A 182 9.34 6.75 -24.29
N ASN A 183 9.66 8.03 -24.48
CA ASN A 183 9.72 8.66 -25.80
C ASN A 183 10.93 9.55 -25.64
N PRO A 184 12.12 8.97 -25.48
CA PRO A 184 13.38 9.69 -25.30
C PRO A 184 13.70 10.82 -26.26
N GLU A 185 12.98 10.89 -27.39
CA GLU A 185 13.23 11.94 -28.41
C GLU A 185 12.19 13.04 -28.39
N LEU A 186 11.20 12.90 -27.51
CA LEU A 186 10.14 13.86 -27.44
C LEU A 186 10.65 15.24 -27.11
N GLY A 187 11.12 15.43 -25.86
CA GLY A 187 11.64 16.74 -25.48
C GLY A 187 10.57 17.77 -25.14
N GLU A 188 11.01 18.87 -24.54
CA GLU A 188 10.14 19.93 -24.12
C GLU A 188 9.45 20.60 -25.31
N ARG A 189 10.21 20.87 -26.37
CA ARG A 189 9.64 21.46 -27.59
C ARG A 189 8.71 20.42 -28.22
N GLY A 190 9.20 19.18 -28.32
CA GLY A 190 8.33 18.14 -28.84
C GLY A 190 7.06 17.98 -28.01
N LEU A 191 7.13 18.26 -26.70
CA LEU A 191 5.96 18.12 -25.84
C LEU A 191 4.82 19.09 -26.25
N ILE A 192 5.20 20.27 -26.72
CA ILE A 192 4.24 21.26 -27.13
C ILE A 192 3.48 20.80 -28.39
N SER A 193 4.19 20.07 -29.25
CA SER A 193 3.59 19.59 -30.50
C SER A 193 2.70 18.39 -30.28
N ALA A 194 2.76 17.80 -29.08
CA ALA A 194 1.95 16.63 -28.77
C ALA A 194 0.66 16.94 -28.00
N LEU A 195 0.76 17.87 -27.07
CA LEU A 195 -0.41 18.25 -26.27
C LEU A 195 -1.34 19.21 -27.01
N CYS A 196 -2.00 18.74 -28.06
CA CYS A 196 -2.91 19.59 -28.81
C CYS A 196 -3.75 20.49 -27.89
N PRO A 197 -3.76 21.81 -28.15
CA PRO A 197 -4.50 22.81 -27.36
C PRO A 197 -6.00 22.54 -27.20
N LEU A 198 -6.52 22.64 -25.97
CA LEU A 198 -7.95 22.41 -25.71
C LEU A 198 -8.49 21.00 -25.99
N LYS A 199 -7.59 20.04 -26.22
CA LYS A 199 -8.02 18.68 -26.51
C LYS A 199 -8.01 17.73 -25.31
N PHE A 200 -7.65 18.24 -24.15
CA PHE A 200 -7.61 17.44 -22.94
C PHE A 200 -8.18 18.30 -21.84
N PRO A 201 -9.46 18.68 -21.96
CA PRO A 201 -10.18 19.51 -21.01
C PRO A 201 -10.23 18.95 -19.60
N THR A 202 -10.03 17.65 -19.45
CA THR A 202 -10.14 17.10 -18.11
C THR A 202 -8.90 16.47 -17.54
N LEU A 203 -7.79 16.68 -18.22
CA LEU A 203 -6.54 16.10 -17.78
C LEU A 203 -6.30 16.40 -16.29
N GLN A 204 -5.76 15.42 -15.58
CA GLN A 204 -5.45 15.59 -14.17
C GLN A 204 -4.03 15.11 -13.97
N VAL A 205 -3.64 14.07 -14.69
CA VAL A 205 -2.30 13.53 -14.56
C VAL A 205 -1.56 13.38 -15.89
N LEU A 206 -0.34 13.94 -15.95
CA LEU A 206 0.49 13.88 -17.15
C LEU A 206 1.82 13.19 -16.84
N ALA A 207 2.01 11.97 -17.33
CA ALA A 207 3.26 11.26 -17.08
C ALA A 207 4.27 11.39 -18.27
N LEU A 208 5.50 11.81 -17.96
CA LEU A 208 6.53 11.98 -18.98
C LEU A 208 7.83 11.26 -18.66
N ARG A 209 7.78 10.08 -18.04
CA ARG A 209 9.04 9.41 -17.71
C ARG A 209 9.90 9.04 -18.95
N ASN A 210 11.19 9.29 -18.87
CA ASN A 210 12.12 8.96 -19.93
C ASN A 210 11.58 9.47 -21.29
N ALA A 211 11.41 10.79 -21.34
CA ALA A 211 10.84 11.42 -22.51
C ALA A 211 11.64 12.65 -22.97
N GLY A 212 12.95 12.61 -22.72
CA GLY A 212 13.84 13.69 -23.08
C GLY A 212 13.61 15.03 -22.40
N MET A 213 13.08 15.03 -21.19
CA MET A 213 12.83 16.29 -20.51
C MET A 213 14.13 16.74 -19.91
N GLU A 214 14.34 18.06 -19.81
CA GLU A 214 15.61 18.60 -19.28
C GLU A 214 15.49 19.42 -18.02
N THR A 215 14.45 20.22 -17.87
CA THR A 215 14.29 20.97 -16.62
C THR A 215 12.82 21.07 -16.23
N PRO A 216 12.53 21.21 -14.94
CA PRO A 216 11.13 21.33 -14.54
C PRO A 216 10.48 22.62 -15.11
N SER A 217 11.21 23.72 -15.07
CA SER A 217 10.71 24.97 -15.58
C SER A 217 10.48 24.91 -17.11
N GLY A 218 11.39 24.22 -17.79
CA GLY A 218 11.27 24.07 -19.22
C GLY A 218 9.96 23.37 -19.49
N VAL A 219 9.67 22.36 -18.67
CA VAL A 219 8.43 21.59 -18.82
C VAL A 219 7.22 22.44 -18.46
N CYS A 220 7.40 23.28 -17.45
CA CYS A 220 6.34 24.18 -17.01
C CYS A 220 6.04 25.09 -18.20
N SER A 221 7.11 25.54 -18.85
CA SER A 221 7.03 26.42 -20.02
C SER A 221 6.15 25.78 -21.09
N ALA A 222 6.44 24.53 -21.44
CA ALA A 222 5.66 23.80 -22.42
C ALA A 222 4.22 23.64 -21.98
N LEU A 223 4.00 23.44 -20.68
CA LEU A 223 2.64 23.26 -20.20
C LEU A 223 1.83 24.53 -20.34
N ALA A 224 2.48 25.68 -20.14
CA ALA A 224 1.77 26.93 -20.25
C ALA A 224 1.48 27.19 -21.74
N ALA A 225 2.44 26.85 -22.59
CA ALA A 225 2.26 27.03 -24.01
C ALA A 225 1.09 26.16 -24.46
N ALA A 226 1.00 24.94 -23.94
CA ALA A 226 -0.09 24.05 -24.32
C ALA A 226 -1.40 24.44 -23.62
N ARG A 227 -1.35 25.48 -22.78
CA ARG A 227 -2.51 25.94 -22.03
C ARG A 227 -3.19 24.78 -21.26
N VAL A 228 -2.35 23.83 -20.86
CA VAL A 228 -2.79 22.65 -20.10
C VAL A 228 -3.05 22.92 -18.63
N GLN A 229 -4.02 22.22 -18.07
CA GLN A 229 -4.32 22.35 -16.66
C GLN A 229 -4.19 20.96 -16.06
N LEU A 230 -3.63 20.82 -14.86
CA LEU A 230 -3.54 19.49 -14.33
C LEU A 230 -3.18 19.45 -12.86
N GLN A 231 -3.33 18.25 -12.27
CA GLN A 231 -3.07 17.98 -10.86
C GLN A 231 -1.73 17.30 -10.56
N GLY A 232 -1.33 16.32 -11.37
CA GLY A 232 -0.07 15.62 -11.15
C GLY A 232 0.84 15.63 -12.38
N LEU A 233 2.14 15.65 -12.13
CA LEU A 233 3.15 15.65 -13.18
C LEU A 233 4.33 14.79 -12.75
N ASP A 234 4.58 13.73 -13.51
CA ASP A 234 5.64 12.76 -13.24
C ASP A 234 6.78 12.91 -14.23
N LEU A 235 7.95 13.28 -13.73
CA LEU A 235 9.10 13.47 -14.58
C LEU A 235 10.24 12.53 -14.21
N SER A 236 9.95 11.58 -13.32
CA SER A 236 10.97 10.63 -12.92
C SER A 236 11.61 9.93 -14.13
N HIS A 237 12.86 9.51 -13.92
CA HIS A 237 13.61 8.82 -14.93
C HIS A 237 13.97 9.64 -16.17
N ASN A 238 14.09 10.95 -16.05
CA ASN A 238 14.55 11.75 -17.18
C ASN A 238 15.91 12.18 -16.66
N SER A 239 16.80 12.60 -17.54
CA SER A 239 18.09 13.08 -17.09
C SER A 239 17.93 14.58 -17.00
N LEU A 240 17.41 15.06 -15.88
CA LEU A 240 17.24 16.48 -15.69
C LEU A 240 18.60 17.12 -15.44
N ARG A 241 18.82 18.27 -16.07
CA ARG A 241 20.09 18.96 -15.97
C ARG A 241 20.10 20.07 -14.95
N ASP A 242 21.31 20.43 -14.52
CA ASP A 242 21.55 21.52 -13.56
C ASP A 242 21.63 22.75 -14.43
N ALA A 243 20.47 23.35 -14.70
CA ALA A 243 20.45 24.48 -15.60
C ALA A 243 19.32 25.39 -15.29
N ALA A 244 19.46 26.62 -15.76
CA ALA A 244 18.49 27.64 -15.54
C ALA A 244 17.15 27.24 -16.14
N GLY A 245 17.18 26.68 -17.35
CA GLY A 245 15.95 26.27 -18.03
C GLY A 245 15.14 27.52 -18.35
N ALA A 246 13.85 27.53 -18.01
CA ALA A 246 13.06 28.72 -18.23
C ALA A 246 13.09 29.52 -16.93
N PRO A 247 13.70 30.72 -16.94
CA PRO A 247 13.78 31.56 -15.73
C PRO A 247 12.45 32.04 -15.16
N SER A 248 11.37 31.94 -15.93
CA SER A 248 10.08 32.39 -15.42
C SER A 248 8.94 31.56 -16.03
N CYS A 249 8.04 31.11 -15.17
CA CYS A 249 6.94 30.27 -15.62
C CYS A 249 5.97 30.00 -14.49
N ASP A 250 4.69 30.05 -14.76
CA ASP A 250 3.73 29.78 -13.69
C ASP A 250 3.25 28.39 -13.97
N TRP A 251 3.24 27.55 -12.95
CA TRP A 251 2.77 26.20 -13.13
C TRP A 251 1.27 26.25 -13.17
N PRO A 252 0.65 25.20 -13.70
CA PRO A 252 -0.80 25.18 -13.75
C PRO A 252 -1.26 25.41 -12.30
N SER A 253 -2.33 26.18 -12.14
CA SER A 253 -2.85 26.50 -10.81
C SER A 253 -3.33 25.30 -10.02
N GLN A 254 -3.61 24.19 -10.68
CA GLN A 254 -4.08 23.00 -9.98
C GLN A 254 -3.02 21.95 -9.66
N LEU A 255 -1.76 22.29 -9.92
CA LEU A 255 -0.69 21.35 -9.70
C LEU A 255 -0.42 21.13 -8.22
N ASN A 256 -0.56 19.89 -7.78
CA ASN A 256 -0.31 19.62 -6.37
C ASN A 256 0.64 18.44 -6.13
N SER A 257 1.07 17.76 -7.19
CA SER A 257 1.97 16.62 -7.07
C SER A 257 3.06 16.57 -8.18
N LEU A 258 4.33 16.73 -7.77
CA LEU A 258 5.45 16.74 -8.71
C LEU A 258 6.43 15.62 -8.40
N ASN A 259 6.76 14.81 -9.41
CA ASN A 259 7.73 13.74 -9.19
C ASN A 259 9.03 14.00 -9.93
N LEU A 260 10.13 14.08 -9.20
CA LEU A 260 11.45 14.34 -9.78
C LEU A 260 12.47 13.27 -9.38
N SER A 261 11.96 12.10 -9.02
CA SER A 261 12.80 10.99 -8.59
C SER A 261 13.52 10.29 -9.74
N PHE A 262 14.77 9.90 -9.48
CA PHE A 262 15.60 9.21 -10.46
C PHE A 262 15.86 10.06 -11.69
N THR A 263 16.15 11.34 -11.47
CA THR A 263 16.40 12.24 -12.57
C THR A 263 17.81 12.78 -12.51
N GLY A 264 18.65 12.10 -11.72
CA GLY A 264 20.05 12.48 -11.55
C GLY A 264 20.29 13.90 -11.13
N LEU A 265 19.33 14.50 -10.44
CA LEU A 265 19.49 15.88 -10.01
C LEU A 265 20.59 16.03 -8.95
N LYS A 266 21.43 17.07 -9.08
CA LYS A 266 22.51 17.36 -8.12
C LYS A 266 22.13 18.57 -7.27
N GLN A 267 21.16 19.35 -7.69
CA GLN A 267 20.75 20.52 -6.93
C GLN A 267 19.25 20.59 -6.99
N VAL A 268 18.62 21.25 -6.02
CA VAL A 268 17.16 21.38 -6.07
C VAL A 268 16.96 22.32 -7.24
N PRO A 269 16.05 21.99 -8.14
CA PRO A 269 15.88 22.93 -9.24
C PRO A 269 15.10 24.17 -8.90
N LYS A 270 15.42 25.24 -9.61
CA LYS A 270 14.74 26.50 -9.39
C LYS A 270 13.45 26.48 -10.19
N GLY A 271 12.57 27.45 -9.92
CA GLY A 271 11.30 27.50 -10.60
C GLY A 271 10.36 26.37 -10.25
N LEU A 272 10.39 25.89 -9.00
CA LEU A 272 9.45 24.84 -8.59
C LEU A 272 8.18 25.55 -8.16
N PRO A 273 7.05 24.83 -8.09
CA PRO A 273 5.82 25.52 -7.67
C PRO A 273 6.04 25.96 -6.20
N ALA A 274 5.25 26.93 -5.75
CA ALA A 274 5.41 27.45 -4.39
C ALA A 274 4.84 26.53 -3.31
N LYS A 275 3.71 25.89 -3.60
CA LYS A 275 3.08 25.00 -2.62
C LYS A 275 2.72 23.69 -3.32
N LEU A 276 2.98 22.57 -2.67
CA LEU A 276 2.69 21.27 -3.25
C LEU A 276 2.18 20.30 -2.16
N SER A 277 1.34 19.34 -2.54
CA SER A 277 0.88 18.35 -1.57
C SER A 277 1.99 17.32 -1.48
N VAL A 278 2.51 16.90 -2.63
CA VAL A 278 3.64 15.96 -2.64
C VAL A 278 4.76 16.34 -3.63
N LEU A 279 5.99 16.18 -3.19
CA LEU A 279 7.14 16.48 -4.02
C LEU A 279 8.11 15.31 -3.81
N ASP A 280 8.24 14.44 -4.80
CA ASP A 280 9.15 13.30 -4.69
C ASP A 280 10.52 13.63 -5.30
N LEU A 281 11.51 13.86 -4.44
CA LEU A 281 12.84 14.24 -4.89
C LEU A 281 13.88 13.12 -4.63
N SER A 282 13.38 11.91 -4.47
CA SER A 282 14.25 10.80 -4.14
C SER A 282 15.16 10.16 -5.19
N TYR A 283 16.22 9.52 -4.68
CA TYR A 283 17.19 8.81 -5.49
C TYR A 283 17.86 9.62 -6.58
N ASN A 284 18.23 10.83 -6.20
CA ASN A 284 18.91 11.72 -7.08
C ASN A 284 20.32 11.86 -6.49
N ARG A 285 21.00 12.97 -6.74
CA ARG A 285 22.36 13.12 -6.21
C ARG A 285 22.57 14.35 -5.33
N LEU A 286 21.58 14.71 -4.54
CA LEU A 286 21.74 15.86 -3.66
C LEU A 286 22.76 15.49 -2.59
N ASP A 287 23.86 16.24 -2.53
CA ASP A 287 24.90 15.97 -1.56
C ASP A 287 24.78 16.82 -0.32
N ARG A 288 23.83 17.73 -0.35
CA ARG A 288 23.56 18.59 0.78
C ARG A 288 22.04 18.63 0.97
N ASN A 289 21.63 18.71 2.23
CA ASN A 289 20.23 18.75 2.55
C ASN A 289 19.67 20.10 2.12
N PRO A 290 18.55 20.09 1.40
CA PRO A 290 17.92 21.32 0.93
C PRO A 290 17.72 22.42 1.98
N SER A 291 18.10 23.64 1.63
CA SER A 291 17.94 24.79 2.51
C SER A 291 16.46 25.17 2.66
N PRO A 292 16.15 26.09 3.59
CA PRO A 292 14.77 26.53 3.85
C PRO A 292 13.98 26.97 2.63
N ASP A 293 14.39 28.10 2.08
CA ASP A 293 13.74 28.67 0.92
C ASP A 293 13.96 27.89 -0.37
N GLU A 294 14.94 27.01 -0.36
CA GLU A 294 15.25 26.23 -1.54
C GLU A 294 14.11 25.29 -1.92
N LEU A 295 13.19 25.06 -0.99
CA LEU A 295 12.09 24.12 -1.19
C LEU A 295 10.72 24.75 -1.08
N PRO A 296 9.69 24.15 -1.71
CA PRO A 296 8.32 24.66 -1.66
C PRO A 296 7.71 24.15 -0.35
N GLN A 297 6.50 24.57 -0.05
CA GLN A 297 5.81 24.09 1.14
C GLN A 297 5.28 22.75 0.67
N VAL A 298 5.68 21.68 1.35
CA VAL A 298 5.27 20.35 0.92
C VAL A 298 4.59 19.56 2.02
N GLY A 299 3.46 18.92 1.71
CA GLY A 299 2.79 18.09 2.70
C GLY A 299 3.50 16.74 2.79
N ASN A 300 4.01 16.26 1.66
CA ASN A 300 4.68 14.99 1.65
C ASN A 300 5.96 15.11 0.84
N LEU A 301 7.09 15.12 1.54
CA LEU A 301 8.38 15.28 0.90
C LEU A 301 9.26 14.06 1.03
N SER A 302 9.80 13.64 -0.10
CA SER A 302 10.66 12.48 -0.15
C SER A 302 12.06 12.87 -0.68
N LEU A 303 13.09 12.49 0.06
CA LEU A 303 14.46 12.79 -0.31
C LEU A 303 15.32 11.53 -0.15
N LYS A 304 14.63 10.42 0.11
CA LYS A 304 15.23 9.10 0.30
C LYS A 304 16.16 8.68 -0.84
N GLY A 305 17.38 8.26 -0.49
CA GLY A 305 18.28 7.83 -1.54
C GLY A 305 19.38 8.82 -1.87
N ASN A 306 19.17 10.09 -1.59
CA ASN A 306 20.23 11.00 -1.92
C ASN A 306 21.43 10.77 -1.01
N PRO A 307 22.63 11.05 -1.52
CA PRO A 307 23.94 10.91 -0.88
C PRO A 307 24.04 11.60 0.48
N PHE A 308 23.41 12.76 0.61
CA PHE A 308 23.49 13.49 1.86
C PHE A 308 22.85 12.73 3.02
N LEU A 309 21.97 11.78 2.71
CA LEU A 309 21.29 10.98 3.72
C LEU A 309 22.08 9.73 4.06
N ASP A 310 22.72 9.13 3.06
CA ASP A 310 23.46 7.92 3.33
C ASP A 310 24.56 8.26 4.31
N SER A 311 24.73 7.38 5.29
CA SER A 311 25.75 7.52 6.31
C SER A 311 26.33 6.12 6.38
N GLU A 312 26.78 5.64 5.23
CA GLU A 312 27.36 4.31 5.06
C GLU A 312 28.80 4.17 5.58
N ALA B 1 -35.13 -20.30 16.23
CA ALA B 1 -34.63 -19.94 17.58
C ALA B 1 -33.55 -20.94 17.92
N ASP B 2 -32.74 -21.26 16.92
CA ASP B 2 -31.66 -22.24 17.06
C ASP B 2 -30.23 -21.75 16.80
N PRO B 3 -29.84 -20.61 17.37
CA PRO B 3 -28.46 -20.19 17.08
C PRO B 3 -27.42 -20.98 17.89
N GLU B 4 -26.78 -21.96 17.26
CA GLU B 4 -25.76 -22.74 17.96
C GLU B 4 -24.62 -21.80 18.36
N PRO B 5 -23.92 -22.12 19.46
CA PRO B 5 -22.82 -21.29 19.96
C PRO B 5 -21.79 -20.86 18.90
N CYS B 6 -21.21 -21.82 18.21
CA CYS B 6 -20.20 -21.51 17.20
C CYS B 6 -20.71 -21.54 15.77
N GLU B 7 -20.64 -20.40 15.08
CA GLU B 7 -21.06 -20.39 13.68
C GLU B 7 -19.81 -20.38 12.80
N LEU B 8 -19.73 -21.34 11.91
CA LEU B 8 -18.57 -21.48 11.05
C LEU B 8 -18.73 -20.93 9.63
N ASP B 9 -17.60 -20.54 9.07
CA ASP B 9 -17.50 -20.07 7.68
C ASP B 9 -16.52 -21.09 7.10
N GLU B 10 -15.37 -20.64 6.60
CA GLU B 10 -14.42 -21.62 6.10
C GLU B 10 -13.16 -21.47 6.94
N GLU B 11 -12.93 -20.25 7.41
CA GLU B 11 -11.77 -19.96 8.22
C GLU B 11 -12.14 -19.31 9.54
N SER B 12 -13.27 -18.60 9.57
CA SER B 12 -13.69 -17.93 10.80
C SER B 12 -14.84 -18.61 11.53
N CYS B 13 -14.53 -19.18 12.68
CA CYS B 13 -15.52 -19.84 13.48
C CYS B 13 -15.71 -18.92 14.64
N SER B 14 -16.93 -18.45 14.84
CA SER B 14 -17.20 -17.54 15.92
C SER B 14 -18.10 -18.25 16.92
N CYS B 15 -17.69 -18.28 18.18
CA CYS B 15 -18.48 -18.93 19.22
C CYS B 15 -19.00 -17.95 20.25
N ASN B 16 -20.17 -18.26 20.77
CA ASN B 16 -20.83 -17.49 21.80
C ASN B 16 -21.14 -18.50 22.90
N PHE B 17 -20.50 -18.32 24.06
CA PHE B 17 -20.73 -19.22 25.19
C PHE B 17 -21.16 -18.41 26.40
N SER B 18 -22.04 -17.44 26.16
CA SER B 18 -22.54 -16.57 27.23
C SER B 18 -23.72 -17.17 28.01
N ASP B 19 -24.44 -18.10 27.39
CA ASP B 19 -25.59 -18.74 28.05
C ASP B 19 -25.24 -19.19 29.46
N PRO B 20 -26.19 -19.08 30.39
CA PRO B 20 -25.94 -19.51 31.76
C PRO B 20 -25.57 -20.99 31.89
N LYS B 21 -24.27 -21.28 31.81
CA LYS B 21 -23.71 -22.64 31.95
C LYS B 21 -24.10 -23.82 31.04
N PRO B 22 -24.15 -23.61 29.72
CA PRO B 22 -24.50 -24.79 28.92
C PRO B 22 -23.60 -25.10 27.71
N ASP B 23 -24.27 -25.57 26.64
CA ASP B 23 -23.78 -25.95 25.30
C ASP B 23 -22.31 -26.11 24.86
N TRP B 24 -21.43 -26.68 25.67
CA TRP B 24 -20.04 -26.80 25.20
C TRP B 24 -19.87 -27.64 23.93
N SER B 25 -20.87 -28.46 23.59
CA SER B 25 -20.83 -29.33 22.42
C SER B 25 -20.24 -28.73 21.16
N SER B 26 -20.81 -27.62 20.70
CA SER B 26 -20.29 -26.97 19.50
C SER B 26 -18.83 -26.73 19.84
N ALA B 27 -17.99 -26.83 18.83
CA ALA B 27 -16.55 -26.64 18.99
C ALA B 27 -16.07 -27.45 17.82
N PHE B 28 -16.58 -28.67 17.75
CA PHE B 28 -16.20 -29.56 16.68
C PHE B 28 -16.63 -28.94 15.38
N ASN B 29 -17.42 -27.87 15.47
CA ASN B 29 -17.84 -27.14 14.29
C ASN B 29 -16.66 -26.26 13.83
N CYS B 30 -15.85 -25.83 14.80
CA CYS B 30 -14.71 -24.96 14.57
C CYS B 30 -13.47 -25.66 14.01
N LEU B 31 -13.35 -26.92 14.38
CA LEU B 31 -12.27 -27.79 13.94
C LEU B 31 -12.07 -27.44 12.47
N GLY B 32 -10.83 -27.30 12.01
CA GLY B 32 -10.65 -26.97 10.61
C GLY B 32 -10.76 -25.51 10.22
N ALA B 33 -10.98 -24.64 11.22
CA ALA B 33 -11.09 -23.21 10.97
C ALA B 33 -9.78 -22.49 11.38
N ALA B 34 -9.22 -21.70 10.47
CA ALA B 34 -7.98 -20.95 10.74
C ALA B 34 -8.13 -19.90 11.86
N ASP B 35 -9.29 -19.26 11.91
CA ASP B 35 -9.58 -18.24 12.93
C ASP B 35 -10.74 -18.68 13.78
N VAL B 36 -10.63 -18.38 15.08
CA VAL B 36 -11.63 -18.73 16.09
C VAL B 36 -11.71 -17.66 17.18
N GLU B 37 -12.92 -17.27 17.52
CA GLU B 37 -13.17 -16.26 18.54
C GLU B 37 -14.09 -16.87 19.58
N LEU B 38 -13.81 -16.67 20.85
CA LEU B 38 -14.68 -17.24 21.87
C LEU B 38 -15.21 -16.14 22.75
N TYR B 39 -16.48 -15.83 22.64
CA TYR B 39 -17.11 -14.80 23.45
C TYR B 39 -17.80 -15.49 24.63
N GLY B 40 -17.58 -14.95 25.83
CA GLY B 40 -18.16 -15.48 27.05
C GLY B 40 -19.16 -14.54 27.73
N GLY B 41 -19.45 -13.43 27.07
CA GLY B 41 -20.40 -12.45 27.58
C GLY B 41 -20.13 -11.90 28.96
N GLY B 42 -18.94 -12.17 29.49
CA GLY B 42 -18.62 -11.67 30.81
C GLY B 42 -19.03 -12.70 31.84
N ARG B 43 -19.57 -13.83 31.38
CA ARG B 43 -19.97 -14.90 32.27
C ARG B 43 -18.76 -15.36 33.07
N SER B 44 -19.01 -16.01 34.21
CA SER B 44 -17.93 -16.51 35.06
C SER B 44 -17.71 -18.00 34.82
N LEU B 45 -16.48 -18.37 34.46
CA LEU B 45 -16.14 -19.77 34.21
C LEU B 45 -15.50 -20.41 35.42
N GLU B 46 -15.74 -19.86 36.61
CA GLU B 46 -15.15 -20.39 37.82
C GLU B 46 -15.68 -21.77 38.23
N TYR B 47 -16.81 -22.16 37.65
CA TYR B 47 -17.40 -23.46 37.95
C TYR B 47 -16.63 -24.60 37.28
N LEU B 48 -15.85 -24.27 36.24
CA LEU B 48 -15.07 -25.28 35.52
C LEU B 48 -13.98 -25.97 36.36
N LEU B 49 -13.65 -25.40 37.52
CA LEU B 49 -12.62 -25.95 38.39
C LEU B 49 -13.00 -27.26 39.08
N LYS B 50 -14.27 -27.42 39.42
CA LYS B 50 -14.73 -28.64 40.08
C LYS B 50 -15.05 -29.73 39.05
N ARG B 51 -15.12 -29.32 37.79
CA ARG B 51 -15.44 -30.24 36.70
C ARG B 51 -14.23 -30.74 35.90
N VAL B 52 -13.32 -29.83 35.55
CA VAL B 52 -12.14 -30.19 34.77
C VAL B 52 -10.86 -30.34 35.59
N ASP B 53 -10.04 -31.30 35.19
CA ASP B 53 -8.76 -31.60 35.84
C ASP B 53 -7.63 -30.86 35.12
N THR B 54 -7.21 -29.74 35.70
CA THR B 54 -6.16 -28.89 35.14
C THR B 54 -4.99 -29.64 34.55
N GLU B 55 -4.76 -30.86 35.03
CA GLU B 55 -3.65 -31.66 34.54
C GLU B 55 -4.03 -32.78 33.57
N ALA B 56 -5.25 -33.29 33.70
CA ALA B 56 -5.73 -34.38 32.85
C ALA B 56 -5.21 -34.31 31.43
N ASP B 57 -4.77 -35.46 30.91
CA ASP B 57 -4.25 -35.55 29.54
C ASP B 57 -5.44 -35.82 28.59
N LEU B 58 -5.80 -34.82 27.80
CA LEU B 58 -6.95 -34.93 26.88
C LEU B 58 -6.79 -36.01 25.83
N GLY B 59 -6.37 -37.20 26.27
CA GLY B 59 -6.16 -38.31 25.37
C GLY B 59 -7.23 -38.47 24.31
N GLN B 60 -8.49 -38.40 24.72
CA GLN B 60 -9.59 -38.55 23.79
C GLN B 60 -9.64 -37.48 22.70
N PHE B 61 -9.02 -36.32 22.94
CA PHE B 61 -9.03 -35.24 21.95
C PHE B 61 -7.65 -34.82 21.47
N THR B 62 -6.63 -35.35 22.10
CA THR B 62 -5.24 -35.04 21.76
C THR B 62 -5.00 -34.88 20.27
N ASP B 63 -5.36 -35.89 19.48
CA ASP B 63 -5.18 -35.84 18.03
C ASP B 63 -5.94 -34.68 17.40
N ILE B 64 -7.18 -34.48 17.85
CA ILE B 64 -8.02 -33.40 17.35
C ILE B 64 -7.28 -32.08 17.55
N ILE B 65 -6.82 -31.87 18.78
CA ILE B 65 -6.08 -30.68 19.12
C ILE B 65 -4.81 -30.58 18.26
N LYS B 66 -4.20 -31.71 17.93
CA LYS B 66 -2.98 -31.72 17.10
C LYS B 66 -3.31 -31.55 15.61
N SER B 67 -4.58 -31.73 15.26
CA SER B 67 -4.98 -31.62 13.87
C SER B 67 -5.78 -30.37 13.55
N LEU B 68 -6.11 -29.57 14.57
CA LEU B 68 -6.87 -28.32 14.37
C LEU B 68 -6.20 -27.43 13.31
N SER B 69 -7.00 -26.75 12.50
CA SER B 69 -6.44 -25.84 11.49
C SER B 69 -6.19 -24.47 12.13
N LEU B 70 -6.54 -24.38 13.41
CA LEU B 70 -6.39 -23.17 14.21
C LEU B 70 -5.07 -22.43 14.08
N LYS B 71 -5.16 -21.16 13.73
CA LYS B 71 -3.97 -20.34 13.62
C LYS B 71 -4.08 -19.05 14.45
N ARG B 72 -5.26 -18.43 14.44
CA ARG B 72 -5.47 -17.20 15.18
C ARG B 72 -6.65 -17.39 16.13
N LEU B 73 -6.40 -17.20 17.42
CA LEU B 73 -7.44 -17.36 18.41
C LEU B 73 -7.62 -16.12 19.24
N THR B 74 -8.87 -15.78 19.51
CA THR B 74 -9.24 -14.62 20.31
C THR B 74 -10.17 -15.17 21.37
N VAL B 75 -10.00 -14.72 22.60
CA VAL B 75 -10.84 -15.15 23.71
C VAL B 75 -11.26 -13.85 24.43
N ARG B 76 -12.56 -13.54 24.47
CA ARG B 76 -12.95 -12.30 25.11
C ARG B 76 -14.20 -12.33 26.00
N ALA B 77 -14.27 -11.36 26.91
CA ALA B 77 -15.39 -11.17 27.85
C ALA B 77 -15.67 -12.39 28.71
N ALA B 78 -14.91 -12.54 29.77
CA ALA B 78 -15.12 -13.68 30.63
C ALA B 78 -14.25 -13.53 31.86
N ARG B 79 -14.63 -14.27 32.90
CA ARG B 79 -13.92 -14.28 34.15
C ARG B 79 -13.43 -15.70 34.18
N ILE B 80 -12.14 -15.88 33.95
CA ILE B 80 -11.57 -17.22 33.90
C ILE B 80 -10.48 -17.43 34.94
N PRO B 81 -10.61 -18.51 35.71
CA PRO B 81 -9.55 -18.72 36.71
C PRO B 81 -8.21 -19.13 36.06
N SER B 82 -7.15 -18.51 36.56
CA SER B 82 -5.81 -18.76 36.08
C SER B 82 -5.57 -20.21 35.65
N ARG B 83 -5.82 -21.15 36.55
CA ARG B 83 -5.61 -22.57 36.27
C ARG B 83 -6.15 -23.04 34.92
N ILE B 84 -7.32 -22.50 34.57
CA ILE B 84 -7.98 -22.86 33.33
C ILE B 84 -7.28 -22.23 32.14
N LEU B 85 -6.96 -20.94 32.26
CA LEU B 85 -6.29 -20.21 31.18
C LEU B 85 -4.97 -20.86 30.82
N PHE B 86 -4.13 -21.15 31.81
CA PHE B 86 -2.85 -21.77 31.50
C PHE B 86 -3.02 -23.22 31.12
N GLY B 87 -4.06 -23.85 31.68
CA GLY B 87 -4.34 -25.22 31.34
C GLY B 87 -4.56 -25.26 29.85
N ALA B 88 -5.40 -24.34 29.37
CA ALA B 88 -5.70 -24.25 27.94
C ALA B 88 -4.45 -23.94 27.09
N LEU B 89 -3.61 -23.04 27.61
CA LEU B 89 -2.37 -22.66 26.95
C LEU B 89 -1.46 -23.88 26.73
N ARG B 90 -1.36 -24.71 27.78
CA ARG B 90 -0.57 -25.94 27.78
C ARG B 90 -1.09 -26.84 26.69
N VAL B 91 -2.42 -26.97 26.68
CA VAL B 91 -3.11 -27.82 25.73
C VAL B 91 -2.89 -27.39 24.30
N LEU B 92 -3.14 -26.12 24.01
CA LEU B 92 -2.97 -25.61 22.67
C LEU B 92 -1.51 -25.74 22.20
N GLY B 93 -0.60 -25.90 23.16
CA GLY B 93 0.80 -26.01 22.83
C GLY B 93 1.13 -27.04 21.76
N ILE B 94 0.35 -28.10 21.73
CA ILE B 94 0.58 -29.15 20.77
C ILE B 94 -0.14 -28.84 19.46
N SER B 95 -0.87 -27.73 19.44
CA SER B 95 -1.56 -27.33 18.21
C SER B 95 -0.60 -26.42 17.44
N GLY B 96 -1.04 -25.96 16.28
CA GLY B 96 -0.23 -25.06 15.48
C GLY B 96 -0.67 -23.60 15.64
N LEU B 97 -1.30 -23.27 16.78
CA LEU B 97 -1.75 -21.89 17.08
C LEU B 97 -0.57 -20.89 16.99
N GLN B 98 -0.73 -19.89 16.12
CA GLN B 98 0.30 -18.88 15.90
C GLN B 98 0.07 -17.52 16.57
N GLU B 99 -1.20 -17.12 16.73
CA GLU B 99 -1.52 -15.82 17.33
C GLU B 99 -2.58 -15.94 18.39
N LEU B 100 -2.39 -15.25 19.49
CA LEU B 100 -3.34 -15.29 20.58
C LEU B 100 -3.75 -13.87 21.02
N THR B 101 -5.06 -13.66 21.18
CA THR B 101 -5.60 -12.38 21.59
C THR B 101 -6.56 -12.62 22.75
N LEU B 102 -6.25 -12.08 23.92
CA LEU B 102 -7.11 -12.22 25.10
C LEU B 102 -7.59 -10.80 25.36
N GLU B 103 -8.88 -10.62 25.64
CA GLU B 103 -9.43 -9.27 25.80
C GLU B 103 -10.70 -9.17 26.67
N ASN B 104 -10.72 -8.22 27.59
CA ASN B 104 -11.85 -8.04 28.50
C ASN B 104 -12.00 -9.28 29.34
N LEU B 105 -10.91 -9.65 30.00
CA LEU B 105 -10.93 -10.84 30.83
C LEU B 105 -10.53 -10.45 32.22
N GLU B 106 -10.96 -11.27 33.17
CA GLU B 106 -10.62 -11.08 34.56
C GLU B 106 -10.01 -12.41 35.00
N VAL B 107 -8.71 -12.60 34.79
CA VAL B 107 -8.04 -13.83 35.16
C VAL B 107 -7.93 -13.85 36.69
N THR B 108 -8.45 -14.90 37.32
CA THR B 108 -8.46 -14.97 38.76
C THR B 108 -7.77 -16.15 39.44
N GLY B 109 -7.42 -15.93 40.71
CA GLY B 109 -6.75 -16.94 41.50
C GLY B 109 -5.31 -17.08 41.06
N THR B 110 -4.59 -18.01 41.66
CA THR B 110 -3.21 -18.23 41.28
C THR B 110 -3.09 -19.63 40.73
N ALA B 111 -1.98 -19.91 40.05
CA ALA B 111 -1.74 -21.22 39.46
C ALA B 111 -0.30 -21.64 39.74
N PRO B 112 -0.09 -22.95 40.00
CA PRO B 112 1.26 -23.43 40.30
C PRO B 112 2.17 -23.31 39.08
N PRO B 113 3.44 -22.98 39.31
CA PRO B 113 4.34 -22.86 38.17
C PRO B 113 4.45 -24.20 37.43
N PRO B 114 4.59 -24.14 36.11
CA PRO B 114 4.71 -25.34 35.28
C PRO B 114 5.98 -26.16 35.54
N LEU B 115 5.80 -27.46 35.74
CA LEU B 115 6.92 -28.35 36.00
C LEU B 115 8.01 -28.11 34.98
N LEU B 116 7.64 -28.16 33.71
CA LEU B 116 8.57 -27.97 32.61
C LEU B 116 8.63 -26.54 32.08
N GLU B 117 9.45 -26.32 31.07
CA GLU B 117 9.61 -25.00 30.50
C GLU B 117 9.18 -24.93 29.03
N ALA B 118 8.53 -23.83 28.68
CA ALA B 118 8.04 -23.56 27.33
C ALA B 118 6.91 -24.47 26.85
N THR B 119 5.91 -24.68 27.70
CA THR B 119 4.74 -25.51 27.38
C THR B 119 3.58 -24.59 27.00
N GLY B 120 3.57 -24.14 25.75
CA GLY B 120 2.51 -23.25 25.31
C GLY B 120 2.53 -23.17 23.81
N PRO B 121 1.55 -22.50 23.21
CA PRO B 121 1.54 -22.42 21.74
C PRO B 121 2.83 -21.73 21.27
N ASP B 122 3.28 -22.08 20.07
CA ASP B 122 4.48 -21.44 19.54
C ASP B 122 3.99 -20.19 18.85
N LEU B 123 3.71 -19.15 19.63
CA LEU B 123 3.18 -17.89 19.12
C LEU B 123 4.15 -16.95 18.43
N ASN B 124 3.65 -16.20 17.46
CA ASN B 124 4.49 -15.19 16.82
C ASN B 124 3.96 -13.88 17.41
N ILE B 125 2.68 -13.92 17.76
CA ILE B 125 1.95 -12.75 18.25
C ILE B 125 1.07 -13.06 19.43
N LEU B 126 1.16 -12.22 20.47
CA LEU B 126 0.33 -12.34 21.66
C LEU B 126 -0.30 -10.95 21.90
N ASN B 127 -1.62 -10.87 21.96
CA ASN B 127 -2.27 -9.56 22.23
C ASN B 127 -3.11 -9.60 23.52
N LEU B 128 -2.97 -8.57 24.34
CA LEU B 128 -3.74 -8.43 25.56
C LEU B 128 -4.39 -7.02 25.57
N ARG B 129 -5.69 -6.96 25.83
CA ARG B 129 -6.38 -5.68 25.91
C ARG B 129 -7.40 -5.73 27.05
N ASN B 130 -7.18 -4.89 28.05
CA ASN B 130 -8.04 -4.82 29.23
C ASN B 130 -8.15 -6.17 29.91
N VAL B 131 -7.00 -6.77 30.17
CA VAL B 131 -6.93 -8.04 30.86
C VAL B 131 -6.37 -7.80 32.23
N SER B 132 -7.05 -8.31 33.26
CA SER B 132 -6.54 -8.14 34.63
C SER B 132 -6.05 -9.48 35.15
N TRP B 133 -5.11 -9.47 36.08
CA TRP B 133 -4.60 -10.74 36.63
C TRP B 133 -4.67 -10.79 38.16
N ALA B 134 -4.59 -12.00 38.71
CA ALA B 134 -4.63 -12.21 40.15
C ALA B 134 -3.62 -11.31 40.83
N THR B 135 -2.35 -11.56 40.53
CA THR B 135 -1.28 -10.74 41.07
C THR B 135 -1.42 -9.53 40.16
N ARG B 136 -0.51 -8.57 40.23
CA ARG B 136 -0.66 -7.48 39.31
C ARG B 136 0.63 -6.96 38.75
N ASP B 137 1.75 -7.32 39.37
CA ASP B 137 3.03 -6.89 38.87
C ASP B 137 3.87 -8.11 38.49
N ALA B 138 3.39 -9.28 38.85
CA ALA B 138 4.11 -10.50 38.54
C ALA B 138 3.49 -11.16 37.31
N TRP B 139 2.32 -10.67 36.92
CA TRP B 139 1.63 -11.30 35.83
C TRP B 139 2.43 -11.53 34.57
N LEU B 140 3.34 -10.63 34.24
CA LEU B 140 4.13 -10.80 33.01
C LEU B 140 5.16 -11.95 33.19
N ALA B 141 5.83 -12.00 34.36
CA ALA B 141 6.79 -13.07 34.62
C ALA B 141 6.11 -14.44 34.54
N GLU B 142 4.96 -14.56 35.20
CA GLU B 142 4.19 -15.80 35.25
C GLU B 142 3.71 -16.26 33.87
N LEU B 143 3.09 -15.35 33.13
CA LEU B 143 2.60 -15.70 31.79
C LEU B 143 3.78 -16.19 30.93
N GLN B 144 4.95 -15.58 31.16
CA GLN B 144 6.18 -15.94 30.48
C GLN B 144 6.55 -17.41 30.68
N GLN B 145 6.33 -17.91 31.89
CA GLN B 145 6.63 -19.30 32.25
C GLN B 145 6.01 -20.28 31.27
N TRP B 146 4.90 -19.87 30.67
CA TRP B 146 4.20 -20.73 29.74
C TRP B 146 4.44 -20.44 28.26
N LEU B 147 5.19 -19.39 27.95
CA LEU B 147 5.43 -19.01 26.56
C LEU B 147 6.72 -19.51 25.94
N LYS B 148 6.66 -19.77 24.64
CA LYS B 148 7.84 -20.23 23.91
C LYS B 148 8.72 -19.02 23.56
N PRO B 149 10.03 -19.26 23.45
CA PRO B 149 11.02 -18.24 23.13
C PRO B 149 10.90 -17.59 21.74
N GLY B 150 10.00 -18.08 20.91
CA GLY B 150 9.90 -17.46 19.59
C GLY B 150 8.97 -16.26 19.41
N LEU B 151 8.36 -15.74 20.48
CA LEU B 151 7.44 -14.63 20.37
C LEU B 151 8.01 -13.40 19.66
N LYS B 152 7.38 -12.96 18.58
CA LYS B 152 7.89 -11.81 17.84
C LYS B 152 7.15 -10.51 18.15
N VAL B 153 5.86 -10.62 18.45
CA VAL B 153 5.02 -9.47 18.74
C VAL B 153 4.21 -9.61 20.03
N LEU B 154 4.41 -8.65 20.93
CA LEU B 154 3.71 -8.59 22.19
C LEU B 154 2.99 -7.25 22.21
N SER B 155 1.67 -7.31 22.29
CA SER B 155 0.86 -6.10 22.36
C SER B 155 0.07 -6.14 23.67
N ILE B 156 0.17 -5.09 24.48
CA ILE B 156 -0.54 -4.99 25.77
C ILE B 156 -1.30 -3.66 25.82
N ALA B 157 -2.63 -3.74 25.83
CA ALA B 157 -3.51 -2.56 25.87
C ALA B 157 -4.34 -2.45 27.14
N GLN B 158 -4.59 -1.24 27.57
CA GLN B 158 -5.39 -1.00 28.77
C GLN B 158 -5.08 -1.96 29.91
N ALA B 159 -3.81 -2.09 30.28
CA ALA B 159 -3.40 -2.98 31.37
C ALA B 159 -3.64 -2.32 32.74
N HIS B 160 -3.98 -3.12 33.75
CA HIS B 160 -4.19 -2.51 35.07
C HIS B 160 -2.87 -2.32 35.72
N SER B 161 -1.84 -2.93 35.16
CA SER B 161 -0.49 -2.77 35.69
C SER B 161 0.65 -3.09 34.74
N LEU B 162 1.58 -2.14 34.67
CA LEU B 162 2.76 -2.27 33.83
C LEU B 162 4.03 -2.04 34.64
N ASN B 163 3.91 -1.89 35.96
CA ASN B 163 5.07 -1.72 36.82
C ASN B 163 5.60 -3.09 37.26
N PHE B 164 6.10 -3.84 36.28
CA PHE B 164 6.63 -5.17 36.50
C PHE B 164 7.79 -5.27 37.49
N SER B 165 7.95 -6.46 38.06
CA SER B 165 9.08 -6.72 38.95
C SER B 165 10.02 -7.40 37.94
N CYS B 166 10.90 -6.58 37.38
CA CYS B 166 11.82 -6.99 36.34
C CYS B 166 12.84 -8.12 36.61
N GLU B 167 13.21 -8.33 37.86
CA GLU B 167 14.16 -9.41 38.15
C GLU B 167 13.55 -10.76 37.73
N GLN B 168 12.25 -10.92 37.92
CA GLN B 168 11.55 -12.16 37.56
C GLN B 168 11.30 -12.25 36.07
N VAL B 169 11.07 -11.11 35.44
CA VAL B 169 10.82 -11.13 34.01
C VAL B 169 12.02 -11.75 33.34
N ARG B 170 11.79 -12.52 32.30
CA ARG B 170 12.90 -13.15 31.61
C ARG B 170 13.04 -12.58 30.19
N VAL B 171 14.16 -12.87 29.54
CA VAL B 171 14.41 -12.37 28.20
C VAL B 171 13.40 -12.83 27.13
N PHE B 172 13.08 -11.94 26.19
CA PHE B 172 12.19 -12.30 25.07
C PHE B 172 13.18 -12.37 23.91
N PRO B 173 13.78 -13.56 23.67
CA PRO B 173 14.77 -13.81 22.62
C PRO B 173 14.46 -13.25 21.25
N ALA B 174 13.21 -13.37 20.80
CA ALA B 174 12.83 -12.89 19.47
C ALA B 174 11.88 -11.70 19.41
N LEU B 175 11.40 -11.22 20.54
CA LEU B 175 10.48 -10.10 20.47
C LEU B 175 10.99 -8.90 19.67
N SER B 176 10.38 -8.63 18.50
CA SER B 176 10.79 -7.47 17.70
C SER B 176 9.82 -6.26 17.78
N THR B 177 8.53 -6.49 18.06
CA THR B 177 7.57 -5.39 18.21
C THR B 177 6.94 -5.44 19.60
N LEU B 178 7.02 -4.34 20.34
CA LEU B 178 6.40 -4.22 21.66
C LEU B 178 5.36 -3.09 21.56
N ASP B 179 4.07 -3.43 21.63
CA ASP B 179 3.05 -2.40 21.54
C ASP B 179 2.30 -2.12 22.84
N LEU B 180 2.60 -0.97 23.45
CA LEU B 180 2.00 -0.55 24.72
C LEU B 180 1.01 0.58 24.49
N SER B 181 0.42 0.62 23.31
CA SER B 181 -0.54 1.66 23.04
C SER B 181 -1.72 1.49 24.01
N ASP B 182 -2.56 2.51 24.08
CA ASP B 182 -3.74 2.52 24.93
C ASP B 182 -3.52 2.22 26.41
N ASN B 183 -2.60 2.95 27.00
CA ASN B 183 -2.28 2.88 28.41
C ASN B 183 -2.05 4.33 28.72
N PRO B 184 -3.15 5.14 28.70
CA PRO B 184 -3.12 6.58 28.96
C PRO B 184 -2.39 7.01 30.22
N GLU B 185 -2.37 6.16 31.25
CA GLU B 185 -1.73 6.45 32.54
C GLU B 185 -0.26 6.09 32.60
N LEU B 186 0.23 5.41 31.57
CA LEU B 186 1.63 4.99 31.59
C LEU B 186 2.60 6.17 31.82
N GLY B 187 2.66 7.08 30.86
CA GLY B 187 3.56 8.21 30.98
C GLY B 187 5.02 7.84 30.78
N GLU B 188 5.89 8.83 30.81
CA GLU B 188 7.31 8.66 30.62
C GLU B 188 8.05 7.97 31.77
N ARG B 189 7.69 8.25 33.02
CA ARG B 189 8.34 7.54 34.14
C ARG B 189 7.87 6.09 34.15
N GLY B 190 6.56 5.91 33.97
CA GLY B 190 6.01 4.57 33.92
C GLY B 190 6.60 3.73 32.80
N LEU B 191 7.03 4.36 31.69
CA LEU B 191 7.61 3.60 30.59
C LEU B 191 8.89 2.94 31.05
N ILE B 192 9.65 3.64 31.89
CA ILE B 192 10.90 3.07 32.34
C ILE B 192 10.63 1.82 33.17
N SER B 193 9.50 1.77 33.86
CA SER B 193 9.20 0.60 34.69
C SER B 193 8.68 -0.58 33.89
N ALA B 194 8.40 -0.36 32.61
CA ALA B 194 7.87 -1.41 31.76
C ALA B 194 8.94 -2.05 30.89
N LEU B 195 9.96 -1.26 30.58
CA LEU B 195 11.05 -1.71 29.73
C LEU B 195 12.21 -2.37 30.49
N CYS B 196 11.88 -3.43 31.20
CA CYS B 196 12.83 -4.21 31.94
C CYS B 196 14.20 -4.34 31.25
N PRO B 197 15.26 -3.86 31.89
CA PRO B 197 16.63 -3.89 31.35
C PRO B 197 17.11 -5.22 30.77
N LEU B 198 17.59 -5.18 29.53
CA LEU B 198 18.09 -6.37 28.85
C LEU B 198 17.10 -7.47 28.50
N LYS B 199 15.82 -7.26 28.81
CA LYS B 199 14.82 -8.27 28.50
C LYS B 199 14.29 -8.25 27.06
N PHE B 200 14.60 -7.21 26.31
CA PHE B 200 14.10 -7.12 24.94
C PHE B 200 15.24 -6.85 23.95
N PRO B 201 16.24 -7.76 23.90
CA PRO B 201 17.40 -7.65 23.01
C PRO B 201 17.11 -7.31 21.56
N THR B 202 16.17 -8.03 20.97
CA THR B 202 15.90 -7.82 19.57
C THR B 202 14.80 -6.80 19.21
N LEU B 203 14.37 -6.00 20.18
CA LEU B 203 13.34 -5.00 19.92
C LEU B 203 13.73 -4.17 18.70
N GLN B 204 12.75 -3.88 17.84
CA GLN B 204 12.97 -3.10 16.65
C GLN B 204 11.94 -1.96 16.61
N VAL B 205 10.69 -2.29 16.96
CA VAL B 205 9.63 -1.29 16.94
C VAL B 205 8.96 -1.18 18.31
N LEU B 206 8.88 0.05 18.82
CA LEU B 206 8.23 0.30 20.09
C LEU B 206 7.04 1.23 19.80
N ALA B 207 5.83 0.71 19.93
CA ALA B 207 4.67 1.59 19.73
C ALA B 207 4.10 2.02 21.11
N LEU B 208 3.87 3.33 21.26
CA LEU B 208 3.33 3.89 22.50
C LEU B 208 2.19 4.87 22.23
N ARG B 209 1.26 4.53 21.34
CA ARG B 209 0.15 5.47 21.03
C ARG B 209 -0.81 5.64 22.23
N ASN B 210 -1.34 6.85 22.43
CA ASN B 210 -2.32 7.11 23.52
C ASN B 210 -1.87 6.45 24.82
N ALA B 211 -0.69 6.83 25.27
CA ALA B 211 -0.10 6.23 26.46
C ALA B 211 0.52 7.26 27.40
N GLY B 212 -0.08 8.44 27.44
CA GLY B 212 0.37 9.51 28.30
C GLY B 212 1.74 10.12 28.09
N MET B 213 2.33 9.99 26.89
CA MET B 213 3.62 10.59 26.67
C MET B 213 3.45 12.10 26.49
N GLU B 214 4.50 12.85 26.82
CA GLU B 214 4.46 14.31 26.78
C GLU B 214 5.44 15.04 25.85
N THR B 215 6.66 14.54 25.71
CA THR B 215 7.59 15.13 24.79
C THR B 215 8.49 14.10 24.17
N PRO B 216 8.88 14.32 22.91
CA PRO B 216 9.75 13.36 22.26
C PRO B 216 11.02 13.15 23.08
N SER B 217 11.66 14.23 23.53
CA SER B 217 12.88 14.12 24.34
C SER B 217 12.67 13.44 25.71
N GLY B 218 11.48 13.57 26.29
CA GLY B 218 11.19 12.91 27.54
C GLY B 218 11.15 11.42 27.22
N VAL B 219 10.57 11.05 26.08
CA VAL B 219 10.54 9.63 25.71
C VAL B 219 11.98 9.14 25.46
N CYS B 220 12.74 9.92 24.69
CA CYS B 220 14.12 9.57 24.40
C CYS B 220 14.83 9.25 25.72
N SER B 221 14.62 10.12 26.70
CA SER B 221 15.25 9.97 28.00
C SER B 221 14.83 8.64 28.62
N ALA B 222 13.55 8.34 28.57
CA ALA B 222 13.11 7.08 29.14
C ALA B 222 13.82 5.93 28.47
N LEU B 223 13.93 6.01 27.15
CA LEU B 223 14.57 4.94 26.36
C LEU B 223 16.05 4.81 26.75
N ALA B 224 16.70 5.95 26.98
CA ALA B 224 18.09 5.90 27.37
C ALA B 224 18.22 5.15 28.68
N ALA B 225 17.35 5.47 29.64
CA ALA B 225 17.37 4.81 30.96
C ALA B 225 17.14 3.31 30.87
N ALA B 226 16.35 2.89 29.88
CA ALA B 226 16.06 1.46 29.70
C ALA B 226 17.15 0.75 28.93
N ARG B 227 18.12 1.52 28.44
CA ARG B 227 19.23 0.97 27.65
C ARG B 227 18.71 0.12 26.48
N VAL B 228 17.57 0.57 25.95
CA VAL B 228 16.85 -0.02 24.84
C VAL B 228 17.38 0.42 23.47
N GLN B 229 17.38 -0.49 22.50
CA GLN B 229 17.86 -0.17 21.16
C GLN B 229 16.67 -0.45 20.27
N LEU B 230 16.45 0.36 19.24
CA LEU B 230 15.33 0.11 18.34
C LEU B 230 15.42 0.92 17.05
N GLN B 231 14.58 0.55 16.11
CA GLN B 231 14.52 1.18 14.80
C GLN B 231 13.34 2.10 14.59
N GLY B 232 12.21 1.77 15.20
CA GLY B 232 11.01 2.58 15.07
C GLY B 232 10.29 2.89 16.36
N LEU B 233 9.81 4.11 16.47
CA LEU B 233 9.08 4.58 17.62
C LEU B 233 7.84 5.34 17.15
N ASP B 234 6.68 4.87 17.60
CA ASP B 234 5.38 5.49 17.27
C ASP B 234 4.78 6.17 18.49
N LEU B 235 4.64 7.49 18.43
CA LEU B 235 4.03 8.24 19.53
C LEU B 235 2.75 8.92 19.07
N SER B 236 2.19 8.49 17.96
CA SER B 236 1.00 9.13 17.48
C SER B 236 -0.14 9.03 18.52
N HIS B 237 -1.00 10.05 18.52
CA HIS B 237 -2.16 10.10 19.40
C HIS B 237 -1.85 10.28 20.90
N ASN B 238 -0.78 11.00 21.19
CA ASN B 238 -0.48 11.34 22.58
C ASN B 238 -0.70 12.85 22.47
N SER B 239 -0.95 13.53 23.58
CA SER B 239 -1.07 14.95 23.53
C SER B 239 0.30 15.41 23.93
N LEU B 240 1.17 15.56 22.94
CA LEU B 240 2.53 15.99 23.20
C LEU B 240 2.52 17.50 23.48
N ARG B 241 3.29 17.91 24.48
CA ARG B 241 3.33 19.28 24.91
C ARG B 241 4.40 20.23 24.35
N ASP B 242 4.05 21.51 24.35
CA ASP B 242 4.96 22.53 23.91
C ASP B 242 5.83 22.80 25.13
N ALA B 243 6.86 21.99 25.31
CA ALA B 243 7.69 22.15 26.47
C ALA B 243 9.07 21.61 26.18
N ALA B 244 10.02 22.09 26.95
CA ALA B 244 11.39 21.69 26.78
C ALA B 244 11.61 20.17 26.94
N GLY B 245 10.99 19.54 27.96
CA GLY B 245 11.19 18.11 28.16
C GLY B 245 12.60 17.81 28.70
N ALA B 246 13.35 16.92 28.03
CA ALA B 246 14.72 16.66 28.47
C ALA B 246 15.63 17.40 27.51
N PRO B 247 16.28 18.47 27.98
CA PRO B 247 17.18 19.30 27.19
C PRO B 247 18.34 18.57 26.54
N SER B 248 18.65 17.37 27.00
CA SER B 248 19.73 16.61 26.41
C SER B 248 19.40 15.13 26.52
N CYS B 249 19.59 14.41 25.43
CA CYS B 249 19.30 12.98 25.33
C CYS B 249 19.73 12.44 23.95
N ASP B 250 20.51 11.37 23.94
CA ASP B 250 20.93 10.73 22.70
C ASP B 250 19.91 9.67 22.40
N TRP B 251 19.46 9.60 21.16
CA TRP B 251 18.49 8.60 20.77
C TRP B 251 19.10 7.23 20.52
N PRO B 252 18.32 6.16 20.61
CA PRO B 252 18.97 4.86 20.34
C PRO B 252 19.69 4.98 18.98
N SER B 253 20.92 4.46 18.89
CA SER B 253 21.68 4.56 17.63
C SER B 253 21.00 4.04 16.38
N GLN B 254 20.14 3.03 16.50
CA GLN B 254 19.49 2.49 15.32
C GLN B 254 18.12 3.12 14.91
N LEU B 255 17.70 4.16 15.61
CA LEU B 255 16.41 4.76 15.31
C LEU B 255 16.34 5.44 13.94
N ASN B 256 15.41 5.00 13.09
CA ASN B 256 15.30 5.68 11.81
C ASN B 256 13.88 6.12 11.47
N SER B 257 12.93 5.80 12.35
CA SER B 257 11.52 6.16 12.13
C SER B 257 10.77 6.66 13.38
N LEU B 258 10.43 7.95 13.35
CA LEU B 258 9.72 8.61 14.43
C LEU B 258 8.36 9.13 13.94
N ASN B 259 7.28 8.65 14.58
CA ASN B 259 5.90 9.09 14.24
C ASN B 259 5.31 10.03 15.30
N LEU B 260 5.07 11.28 14.93
CA LEU B 260 4.52 12.28 15.84
C LEU B 260 3.21 12.82 15.29
N SER B 261 2.46 11.95 14.62
CA SER B 261 1.22 12.40 14.00
C SER B 261 0.04 12.38 14.92
N PHE B 262 -0.83 13.40 14.81
CA PHE B 262 -2.03 13.50 15.64
C PHE B 262 -1.64 13.61 17.09
N THR B 263 -0.74 14.54 17.42
CA THR B 263 -0.29 14.76 18.78
C THR B 263 -0.58 16.21 19.16
N GLY B 264 -1.35 16.90 18.34
CA GLY B 264 -1.70 18.29 18.60
C GLY B 264 -0.52 19.23 18.69
N LEU B 265 0.59 18.87 18.08
CA LEU B 265 1.79 19.69 18.16
C LEU B 265 1.57 21.05 17.49
N LYS B 266 2.05 22.12 18.13
CA LYS B 266 1.89 23.48 17.60
C LYS B 266 3.22 24.00 17.15
N GLN B 267 4.28 23.35 17.62
CA GLN B 267 5.62 23.75 17.27
C GLN B 267 6.40 22.50 17.00
N VAL B 268 7.46 22.62 16.23
CA VAL B 268 8.27 21.47 15.95
C VAL B 268 8.99 21.25 17.27
N PRO B 269 8.91 20.04 17.82
CA PRO B 269 9.64 19.93 19.07
C PRO B 269 11.12 19.85 18.91
N LYS B 270 11.81 20.26 19.96
CA LYS B 270 13.26 20.21 19.97
C LYS B 270 13.62 18.83 20.49
N GLY B 271 14.90 18.48 20.44
CA GLY B 271 15.34 17.17 20.89
C GLY B 271 15.05 16.04 19.92
N LEU B 272 14.97 16.32 18.62
CA LEU B 272 14.71 15.26 17.64
C LEU B 272 16.04 14.72 17.16
N PRO B 273 16.04 13.49 16.66
CA PRO B 273 17.27 12.86 16.16
C PRO B 273 17.89 13.72 15.05
N ALA B 274 19.20 13.58 14.87
CA ALA B 274 19.88 14.37 13.86
C ALA B 274 19.38 14.03 12.45
N LYS B 275 19.20 12.73 12.21
CA LYS B 275 18.77 12.24 10.91
C LYS B 275 17.84 11.07 11.09
N LEU B 276 16.85 10.98 10.22
CA LEU B 276 15.85 9.92 10.27
C LEU B 276 15.49 9.51 8.81
N SER B 277 14.93 8.32 8.61
CA SER B 277 14.55 7.92 7.26
C SER B 277 13.15 8.46 7.13
N VAL B 278 12.38 8.34 8.22
CA VAL B 278 11.06 8.90 8.18
C VAL B 278 10.67 9.62 9.46
N LEU B 279 9.98 10.73 9.25
CA LEU B 279 9.50 11.58 10.29
C LEU B 279 8.12 11.97 9.86
N ASP B 280 7.13 11.38 10.50
CA ASP B 280 5.73 11.67 10.24
C ASP B 280 5.19 12.69 11.26
N LEU B 281 5.09 13.94 10.85
CA LEU B 281 4.62 15.04 11.68
C LEU B 281 3.24 15.55 11.21
N SER B 282 2.49 14.72 10.52
CA SER B 282 1.20 15.16 10.01
C SER B 282 0.00 15.28 10.99
N TYR B 283 -0.98 16.07 10.57
CA TYR B 283 -2.19 16.29 11.34
C TYR B 283 -1.97 16.82 12.76
N ASN B 284 -1.17 17.87 12.83
CA ASN B 284 -0.86 18.54 14.07
C ASN B 284 -1.34 19.97 13.88
N ARG B 285 -0.88 20.91 14.70
CA ARG B 285 -1.35 22.27 14.53
C ARG B 285 -0.25 23.27 14.18
N LEU B 286 0.62 22.91 13.25
CA LEU B 286 1.65 23.86 12.87
C LEU B 286 1.02 24.94 11.98
N ASP B 287 1.24 26.19 12.38
CA ASP B 287 0.73 27.35 11.65
C ASP B 287 1.82 27.95 10.78
N ARG B 288 3.02 27.45 10.93
CA ARG B 288 4.13 27.95 10.13
C ARG B 288 4.94 26.79 9.62
N ASN B 289 5.26 26.82 8.33
CA ASN B 289 6.06 25.78 7.70
C ASN B 289 7.41 25.76 8.40
N PRO B 290 7.84 24.58 8.87
CA PRO B 290 9.10 24.34 9.57
C PRO B 290 10.33 24.90 8.88
N SER B 291 11.16 25.61 9.65
CA SER B 291 12.41 26.23 9.20
C SER B 291 13.44 25.18 8.82
N PRO B 292 14.67 25.63 8.49
CA PRO B 292 15.76 24.71 8.10
C PRO B 292 16.25 23.74 9.17
N ASP B 293 17.01 24.30 10.10
CA ASP B 293 17.59 23.54 11.20
C ASP B 293 16.54 23.02 12.14
N GLU B 294 15.36 23.62 12.07
CA GLU B 294 14.29 23.23 12.94
C GLU B 294 13.98 21.75 12.81
N LEU B 295 14.18 21.22 11.61
CA LEU B 295 13.90 19.80 11.33
C LEU B 295 15.18 19.02 11.17
N PRO B 296 15.10 17.68 11.26
CA PRO B 296 16.29 16.83 11.10
C PRO B 296 16.42 16.53 9.60
N GLN B 297 17.48 15.81 9.22
CA GLN B 297 17.66 15.40 7.84
C GLN B 297 16.71 14.25 7.72
N VAL B 298 15.74 14.34 6.82
CA VAL B 298 14.73 13.29 6.70
C VAL B 298 14.61 12.74 5.27
N GLY B 299 14.47 11.42 5.17
CA GLY B 299 14.30 10.81 3.87
C GLY B 299 12.85 11.00 3.44
N ASN B 300 11.92 10.80 4.39
CA ASN B 300 10.49 10.93 4.09
C ASN B 300 9.80 11.77 5.16
N LEU B 301 9.31 12.94 4.76
CA LEU B 301 8.67 13.84 5.67
C LEU B 301 7.23 14.07 5.30
N SER B 302 6.40 14.00 6.33
CA SER B 302 4.98 14.19 6.17
C SER B 302 4.55 15.34 7.07
N LEU B 303 3.78 16.25 6.49
CA LEU B 303 3.33 17.43 7.21
C LEU B 303 1.91 17.72 6.82
N LYS B 304 1.35 16.80 6.05
CA LYS B 304 0.00 16.90 5.55
C LYS B 304 -1.00 17.15 6.70
N GLY B 305 -1.98 17.98 6.45
CA GLY B 305 -3.00 18.23 7.46
C GLY B 305 -2.75 19.38 8.40
N ASN B 306 -1.51 19.83 8.54
CA ASN B 306 -1.26 20.93 9.44
C ASN B 306 -1.94 22.17 8.89
N PRO B 307 -2.15 23.19 9.73
CA PRO B 307 -2.81 24.42 9.27
C PRO B 307 -2.00 25.26 8.30
N PHE B 308 -0.68 25.27 8.44
CA PHE B 308 0.13 26.10 7.57
C PHE B 308 -0.05 25.71 6.11
N LEU B 309 -0.45 24.48 5.86
CA LEU B 309 -0.67 24.02 4.49
C LEU B 309 -2.09 24.28 4.01
N ASP B 310 -3.06 24.24 4.91
CA ASP B 310 -4.43 24.48 4.48
C ASP B 310 -4.48 25.89 3.89
N SER B 311 -5.11 25.99 2.74
CA SER B 311 -5.25 27.28 2.07
C SER B 311 -6.73 27.30 1.71
N GLU B 312 -7.57 27.19 2.74
CA GLU B 312 -9.03 27.15 2.58
C GLU B 312 -9.68 28.53 2.54
C1 NAG C . 7.76 8.95 -8.27
C2 NAG C . 6.71 8.09 -7.56
C3 NAG C . 7.17 6.66 -7.29
C4 NAG C . 7.80 6.05 -8.53
C5 NAG C . 8.94 6.97 -8.97
C6 NAG C . 9.73 6.42 -10.15
C7 NAG C . 5.13 9.10 -6.05
C8 NAG C . 4.92 10.02 -4.87
N2 NAG C . 6.38 8.70 -6.29
O3 NAG C . 6.07 5.88 -6.91
O4 NAG C . 8.30 4.73 -8.26
O5 NAG C . 8.36 8.23 -9.38
O6 NAG C . 8.88 6.21 -11.28
O7 NAG C . 4.17 8.76 -6.74
C1 NAG C . 7.83 3.74 -9.11
C2 NAG C . 8.60 2.44 -8.90
C3 NAG C . 8.01 1.32 -9.77
C4 NAG C . 6.48 1.23 -9.61
C5 NAG C . 5.86 2.62 -9.80
C6 NAG C . 4.33 2.69 -9.62
C7 NAG C . 10.96 2.24 -8.41
C8 NAG C . 12.34 2.01 -9.00
N2 NAG C . 10.00 2.65 -9.23
O3 NAG C . 8.59 0.09 -9.39
O4 NAG C . 5.92 0.31 -10.56
O5 NAG C . 6.44 3.54 -8.86
O6 NAG C . 3.84 1.62 -8.83
O7 NAG C . 10.76 2.03 -7.20
C1 NAG D . 8.96 -2.39 -32.53
C2 NAG D . 10.09 -3.37 -32.28
C3 NAG D . 10.67 -3.85 -33.61
C4 NAG D . 9.56 -4.46 -34.45
C5 NAG D . 8.39 -3.47 -34.60
C6 NAG D . 7.19 -4.11 -35.29
C7 NAG D . 11.31 -3.22 -30.23
C8 NAG D . 12.34 -2.50 -29.36
N2 NAG D . 11.12 -2.76 -31.46
O3 NAG D . 11.67 -4.84 -33.36
O4 NAG D . 10.08 -4.81 -35.75
O5 NAG D . 7.94 -3.03 -33.31
O6 NAG D . 6.92 -3.48 -36.53
O7 NAG D . 10.71 -4.20 -29.77
C1 NAG D . 9.53 -5.94 -36.35
C2 NAG D . 10.04 -6.05 -37.79
C3 NAG D . 9.51 -7.34 -38.42
C4 NAG D . 9.92 -8.54 -37.56
C5 NAG D . 9.41 -8.33 -36.12
C6 NAG D . 9.86 -9.44 -35.19
C7 NAG D . 10.35 -3.80 -38.61
C8 NAG D . 9.64 -2.48 -38.36
N2 NAG D . 9.61 -4.90 -38.58
O3 NAG D . 10.03 -7.49 -39.74
O4 NAG D . 9.38 -9.75 -38.09
O5 NAG D . 9.92 -7.09 -35.57
O6 NAG D . 8.90 -9.69 -34.18
O7 NAG D . 11.57 -3.80 -38.82
C1 NAG E . 1.89 7.31 12.09
C2 NAG E . 1.89 6.39 10.87
C3 NAG E . 0.50 6.37 10.18
C4 NAG E . -0.61 6.17 11.22
C5 NAG E . -0.47 7.25 12.26
C6 NAG E . -1.60 7.30 13.28
C7 NAG E . 3.70 5.98 9.32
C8 NAG E . 4.83 6.55 8.47
N2 NAG E . 2.88 6.85 9.91
O3 NAG E . 0.46 5.32 9.23
O4 NAG E . -1.92 6.21 10.62
O5 NAG E . 0.79 7.04 12.94
O6 NAG E . -1.47 6.25 14.21
O7 NAG E . 3.59 4.75 9.42
C1 NAG E . -2.78 5.23 11.05
C2 NAG E . -4.22 5.53 10.56
C3 NAG E . -5.16 4.30 10.62
C4 NAG E . -4.46 3.00 10.16
C5 NAG E . -3.17 2.87 10.97
C6 NAG E . -2.41 1.55 10.83
C7 NAG E . -5.29 7.67 10.94
C8 NAG E . -6.04 8.54 11.94
N2 NAG E . -4.76 6.55 11.43
O3 NAG E . -6.30 4.54 9.82
O4 NAG E . -5.29 1.85 10.34
O5 NAG E . -2.29 3.95 10.59
O6 NAG E . -2.03 1.31 9.48
O7 NAG E . -5.21 8.00 9.76
C1 NAG F . -12.58 -4.64 30.86
C2 NAG F . -13.93 -4.04 30.46
C3 NAG F . -14.89 -4.15 31.65
C4 NAG F . -15.00 -5.62 32.11
C5 NAG F . -13.61 -6.27 32.30
C6 NAG F . -13.73 -7.78 32.41
C7 NAG F . -14.26 -2.34 28.79
C8 NAG F . -13.94 -0.94 28.28
N2 NAG F . -13.81 -2.67 30.00
O3 NAG F . -16.18 -3.68 31.27
O4 NAG F . -15.74 -5.69 33.35
O5 NAG F . -12.74 -6.02 31.16
O6 NAG F . -12.75 -8.30 33.28
O7 NAG F . -14.92 -3.12 28.09
C1 NAG F . -16.68 -6.71 33.47
C2 NAG F . -17.33 -6.68 34.86
C3 NAG F . -18.41 -7.77 34.96
C4 NAG F . -19.43 -7.56 33.84
C5 NAG F . -18.72 -7.53 32.48
C6 NAG F . -19.69 -7.21 31.34
C7 NAG F . -15.83 -5.81 36.56
C8 NAG F . -14.31 -5.69 36.57
N2 NAG F . -16.34 -6.87 35.91
O3 NAG F . -19.06 -7.69 36.22
O4 NAG F . -20.40 -8.61 33.86
O5 NAG F . -17.70 -6.52 32.46
O6 NAG F . -19.47 -8.08 30.23
O7 NAG F . -16.52 -4.95 37.11
C1 NAG G . 6.21 19.13 -36.80
C2 NAG G . 7.23 18.80 -37.89
C3 NAG G . 7.36 19.89 -38.94
C4 NAG G . 5.98 20.26 -39.48
C5 NAG G . 5.06 20.65 -38.31
C6 NAG G . 3.66 21.03 -38.78
C7 NAG G . 8.86 17.28 -36.91
C8 NAG G . 10.09 17.15 -36.03
N2 NAG G . 8.52 18.52 -37.28
O3 NAG G . 8.19 19.43 -40.00
O4 NAG G . 6.09 21.33 -40.40
O5 NAG G . 4.94 19.53 -37.37
O6 NAG G . 3.12 20.09 -39.70
O7 NAG G . 8.23 16.28 -37.25
C1 NAG H . 6.75 0.15 41.00
C2 NAG H . 7.18 1.55 41.57
C3 NAG H . 7.83 1.43 42.98
C4 NAG H . 7.03 0.49 43.88
C5 NAG H . 6.91 -0.85 43.19
C6 NAG H . 6.14 -1.85 44.05
C7 NAG H . 7.81 3.24 39.96
C8 NAG H . 8.93 4.03 39.30
N2 NAG H . 8.14 2.16 40.67
O3 NAG H . 7.92 2.72 43.60
O4 NAG H . 7.68 0.34 45.14
O5 NAG H . 6.16 -0.69 41.98
O6 NAG H . 4.77 -1.48 44.13
O7 NAG H . 6.64 3.62 39.82
#